data_8ONI
#
_entry.id   8ONI
#
_cell.length_a   83.307
_cell.length_b   71.896
_cell.length_c   99.640
_cell.angle_alpha   90.000
_cell.angle_beta   112.390
_cell.angle_gamma   90.000
#
_symmetry.space_group_name_H-M   'P 1 21 1'
#
loop_
_entity.id
_entity.type
_entity.pdbx_description
1 polymer 'Heavy chain of analytical antibody S1 Fab'
2 polymer 'Light chain of analytical antibody S1 Fab'
3 polymer 'Insulin A chain'
4 polymer 'Insulin B chain'
5 non-polymer 2-acetamido-2-deoxy-beta-D-glucopyranose
6 water water
#
loop_
_entity_poly.entity_id
_entity_poly.type
_entity_poly.pdbx_seq_one_letter_code
_entity_poly.pdbx_strand_id
1 'polypeptide(L)'
;EVRLQQSGPELVKPGASLKISCKASGYTFTDYNIHWLRQSHSKSLEWIGSIYPYNGRPGYNQKFKNKTTLTVDNSSSTAY
MELRGLTSDDSAVYFCARSRSYYNGSRDYWGQGTSLTVSSAKTTPPSVYPLAPGSAAQTNSMVTLGCLVKGYFPEPVTVT
WNSGSLSSGVHTFPAVLQSDLYTLSSSVTVPSSTWPSETVTCNVAHPASSTKVDKKIVPRDCG
;
H,C
2 'polypeptide(L)'
;QIVLTQSPAIMSASPGEKVTMTCSASSSVNYMYWYQQKPGSSPRLLIYDTSNLASGVPVRFSGSGSGTSFSLTISRMEAE
DAATYFCQQWSSYPLTFGAGTNLELKRADAAPTVSIFPPSSEQLTSGGASVVCFLNNFYPKDINVKWKIDGSERQNGVLN
SWTDQDSKDSTYSMSSTLTLTKDEYERHNSYTCEATHKTSTSPIVKSFNRNEC
;
L,D
3 'polypeptide(L)' GIVEQCCTSICSLYQLENYCN I,A
4 'polypeptide(L)' FVNQHLCGSHLVEALYLVCGERGFFYTPKT B,F
#
loop_
_chem_comp.id
_chem_comp.type
_chem_comp.name
_chem_comp.formula
NAG D-saccharide, beta linking 2-acetamido-2-deoxy-beta-D-glucopyranose 'C8 H15 N O6'
#
# COMPACT_ATOMS: atom_id res chain seq x y z
N GLU A 1 -22.50 -7.96 21.44
CA GLU A 1 -22.17 -7.62 20.04
C GLU A 1 -21.82 -8.88 19.25
N VAL A 2 -22.64 -9.20 18.25
CA VAL A 2 -22.39 -10.37 17.41
C VAL A 2 -21.33 -10.04 16.39
N ARG A 3 -20.37 -10.93 16.23
CA ARG A 3 -19.34 -10.78 15.20
C ARG A 3 -19.04 -12.12 14.57
N LEU A 4 -18.77 -12.13 13.28
CA LEU A 4 -18.26 -13.28 12.55
C LEU A 4 -16.92 -12.90 11.95
N GLN A 5 -15.87 -13.62 12.34
CA GLN A 5 -14.51 -13.31 11.92
C GLN A 5 -14.02 -14.45 11.06
N GLN A 6 -13.68 -14.14 9.81
CA GLN A 6 -13.21 -15.13 8.86
C GLN A 6 -11.68 -15.14 8.75
N SER A 7 -11.16 -16.26 8.27
CA SER A 7 -9.71 -16.40 8.08
C SER A 7 -9.24 -15.49 6.95
N GLY A 8 -7.91 -15.36 6.83
CA GLY A 8 -7.31 -14.33 5.99
C GLY A 8 -7.30 -14.71 4.52
N PRO A 9 -6.73 -13.82 3.72
CA PRO A 9 -6.68 -14.08 2.27
C PRO A 9 -5.87 -15.32 1.95
N GLU A 10 -6.30 -16.02 0.91
CA GLU A 10 -5.68 -17.29 0.54
C GLU A 10 -5.40 -17.33 -0.95
N LEU A 11 -4.25 -17.92 -1.29
CA LEU A 11 -3.86 -18.17 -2.68
C LEU A 11 -3.33 -19.60 -2.73
N VAL A 12 -3.91 -20.42 -3.61
CA VAL A 12 -3.59 -21.82 -3.72
C VAL A 12 -3.51 -22.19 -5.19
N LYS A 13 -2.92 -23.34 -5.48
CA LYS A 13 -2.78 -23.82 -6.83
C LYS A 13 -3.97 -24.69 -7.24
N PRO A 14 -4.21 -24.84 -8.54
CA PRO A 14 -5.35 -25.65 -8.98
C PRO A 14 -5.23 -27.08 -8.48
N GLY A 15 -6.39 -27.69 -8.25
CA GLY A 15 -6.45 -29.04 -7.72
C GLY A 15 -6.25 -29.15 -6.22
N ALA A 16 -5.67 -28.14 -5.59
CA ALA A 16 -5.43 -28.20 -4.16
C ALA A 16 -6.75 -28.03 -3.39
N SER A 17 -6.67 -28.24 -2.08
CA SER A 17 -7.80 -28.12 -1.18
C SER A 17 -7.59 -26.90 -0.29
N LEU A 18 -8.66 -26.48 0.38
CA LEU A 18 -8.59 -25.33 1.26
C LEU A 18 -9.73 -25.40 2.27
N LYS A 19 -9.42 -25.06 3.52
CA LYS A 19 -10.41 -24.98 4.58
C LYS A 19 -10.43 -23.55 5.10
N ILE A 20 -11.57 -22.88 4.93
CA ILE A 20 -11.80 -21.51 5.36
C ILE A 20 -12.60 -21.57 6.66
N SER A 21 -12.24 -20.72 7.61
CA SER A 21 -12.84 -20.73 8.93
C SER A 21 -13.67 -19.47 9.15
N CYS A 22 -14.68 -19.59 10.02
CA CYS A 22 -15.57 -18.51 10.38
C CYS A 22 -15.77 -18.59 11.89
N LYS A 23 -15.27 -17.59 12.62
CA LYS A 23 -15.30 -17.58 14.06
C LYS A 23 -16.41 -16.66 14.54
N ALA A 24 -17.27 -17.19 15.40
CA ALA A 24 -18.45 -16.49 15.89
C ALA A 24 -18.33 -16.13 17.38
N SER A 25 -18.94 -15.02 17.77
CA SER A 25 -18.97 -14.61 19.16
C SER A 25 -20.15 -13.69 19.37
N GLY A 26 -20.50 -13.53 20.64
CA GLY A 26 -21.59 -12.65 21.02
C GLY A 26 -22.95 -13.29 21.12
N TYR A 27 -23.04 -14.59 20.97
CA TYR A 27 -24.32 -15.28 21.01
C TYR A 27 -24.08 -16.78 21.21
N THR A 28 -25.16 -17.49 21.49
CA THR A 28 -25.11 -18.95 21.63
C THR A 28 -24.89 -19.52 20.26
N PHE A 29 -23.63 -19.79 19.93
CA PHE A 29 -23.23 -20.39 18.66
C PHE A 29 -24.16 -21.52 18.20
N THR A 30 -24.62 -22.32 19.13
CA THR A 30 -25.36 -23.53 18.81
C THR A 30 -26.81 -23.24 18.40
N ASP A 31 -27.29 -22.02 18.52
CA ASP A 31 -28.69 -21.73 18.28
C ASP A 31 -29.00 -21.32 16.86
N TYR A 32 -27.98 -20.94 16.06
CA TYR A 32 -28.23 -20.35 14.75
C TYR A 32 -27.43 -21.06 13.67
N ASN A 33 -28.03 -21.19 12.49
CA ASN A 33 -27.27 -21.68 11.34
C ASN A 33 -26.11 -20.73 11.02
N ILE A 34 -25.01 -21.28 10.54
CA ILE A 34 -23.98 -20.51 9.85
C ILE A 34 -24.14 -20.76 8.37
N HIS A 35 -24.30 -19.72 7.59
CA HIS A 35 -24.48 -19.80 6.14
C HIS A 35 -23.19 -19.41 5.43
N TRP A 36 -22.97 -20.05 4.29
CA TRP A 36 -21.76 -19.84 3.51
C TRP A 36 -22.18 -19.36 2.12
N LEU A 37 -21.52 -18.35 1.63
CA LEU A 37 -21.86 -17.75 0.33
C LEU A 37 -20.59 -17.40 -0.43
N ARG A 38 -20.70 -17.42 -1.74
CA ARG A 38 -19.60 -17.08 -2.64
C ARG A 38 -19.97 -15.88 -3.51
N GLN A 39 -19.03 -14.96 -3.64
CA GLN A 39 -19.21 -13.78 -4.50
C GLN A 39 -18.14 -13.84 -5.59
N SER A 40 -18.54 -14.27 -6.79
CA SER A 40 -17.57 -14.40 -7.88
C SER A 40 -17.15 -13.05 -8.44
N HIS A 41 -18.00 -12.04 -8.30
CA HIS A 41 -17.72 -10.68 -8.76
C HIS A 41 -18.86 -9.80 -8.24
N SER A 42 -18.80 -8.51 -8.58
CA SER A 42 -19.68 -7.53 -7.96
C SER A 42 -21.15 -7.75 -8.31
N LYS A 43 -21.47 -8.64 -9.26
CA LYS A 43 -22.84 -8.88 -9.67
C LYS A 43 -23.27 -10.33 -9.46
N SER A 44 -22.64 -11.05 -8.52
CA SER A 44 -23.01 -12.43 -8.27
C SER A 44 -22.92 -12.76 -6.79
N LEU A 45 -24.00 -13.30 -6.25
CA LEU A 45 -24.03 -13.86 -4.90
C LEU A 45 -24.68 -15.24 -5.00
N GLU A 46 -24.04 -16.22 -4.40
CA GLU A 46 -24.55 -17.59 -4.41
C GLU A 46 -24.49 -18.19 -3.01
N TRP A 47 -25.54 -18.90 -2.64
CA TRP A 47 -25.60 -19.61 -1.37
C TRP A 47 -24.97 -20.97 -1.58
N ILE A 48 -23.96 -21.28 -0.76
CA ILE A 48 -23.28 -22.58 -0.83
C ILE A 48 -23.97 -23.61 0.03
N GLY A 49 -24.26 -23.24 1.28
CA GLY A 49 -24.88 -24.19 2.19
C GLY A 49 -25.00 -23.58 3.57
N SER A 50 -25.56 -24.38 4.49
CA SER A 50 -25.75 -23.96 5.89
C SER A 50 -25.43 -25.14 6.79
N ILE A 51 -24.93 -24.85 7.98
CA ILE A 51 -24.65 -25.88 8.96
C ILE A 51 -25.28 -25.50 10.31
N TYR A 52 -25.89 -26.49 10.99
CA TYR A 52 -26.48 -26.38 12.31
C TYR A 52 -25.43 -26.76 13.36
N PRO A 53 -24.86 -25.79 14.06
CA PRO A 53 -23.73 -26.10 14.96
C PRO A 53 -24.10 -26.97 16.15
N TYR A 54 -25.38 -27.10 16.48
CA TYR A 54 -25.78 -27.97 17.58
C TYR A 54 -25.26 -29.39 17.35
N ASN A 55 -25.41 -29.92 16.14
CA ASN A 55 -24.97 -31.28 15.85
C ASN A 55 -24.14 -31.38 14.57
N GLY A 56 -23.84 -30.25 13.90
CA GLY A 56 -23.08 -30.28 12.66
C GLY A 56 -23.82 -30.69 11.43
N ARG A 57 -25.13 -30.79 11.45
CA ARG A 57 -25.89 -31.23 10.31
C ARG A 57 -25.86 -30.17 9.23
N PRO A 58 -25.37 -30.49 8.02
CA PRO A 58 -25.28 -29.46 6.97
C PRO A 58 -26.36 -29.59 5.91
N GLY A 59 -26.62 -28.49 5.21
CA GLY A 59 -27.46 -28.50 4.02
C GLY A 59 -26.73 -27.82 2.85
N TYR A 60 -26.66 -28.46 1.69
CA TYR A 60 -25.83 -28.00 0.60
C TYR A 60 -26.65 -27.56 -0.59
N ASN A 61 -26.18 -26.55 -1.28
CA ASN A 61 -26.59 -26.28 -2.67
C ASN A 61 -26.00 -27.37 -3.55
N GLN A 62 -26.86 -28.07 -4.29
CA GLN A 62 -26.38 -29.22 -5.06
C GLN A 62 -25.23 -28.84 -5.99
N LYS A 63 -25.21 -27.60 -6.49
CA LYS A 63 -24.14 -27.19 -7.39
C LYS A 63 -22.77 -27.24 -6.72
N PHE A 64 -22.70 -26.98 -5.43
CA PHE A 64 -21.45 -26.98 -4.70
C PHE A 64 -21.22 -28.23 -3.87
N LYS A 65 -22.17 -29.15 -3.85
CA LYS A 65 -22.11 -30.30 -2.95
C LYS A 65 -20.86 -31.14 -3.18
N ASN A 66 -20.54 -31.46 -4.43
N ASN A 66 -20.55 -31.48 -4.43
CA ASN A 66 -19.48 -32.41 -4.73
CA ASN A 66 -19.47 -32.41 -4.72
C ASN A 66 -18.10 -31.92 -4.34
C ASN A 66 -18.14 -31.93 -4.17
N LYS A 67 -17.92 -30.62 -4.12
CA LYS A 67 -16.62 -30.08 -3.76
C LYS A 67 -16.60 -29.24 -2.49
N THR A 68 -17.63 -29.32 -1.67
CA THR A 68 -17.71 -28.51 -0.46
C THR A 68 -18.09 -29.39 0.73
N THR A 69 -17.42 -29.17 1.84
CA THR A 69 -17.75 -29.87 3.09
C THR A 69 -17.76 -28.87 4.23
N LEU A 70 -18.86 -28.82 4.96
CA LEU A 70 -19.05 -27.90 6.08
C LEU A 70 -18.98 -28.65 7.39
N THR A 71 -18.17 -28.15 8.32
CA THR A 71 -18.05 -28.73 9.64
C THR A 71 -18.12 -27.61 10.64
N VAL A 72 -18.12 -27.97 11.92
CA VAL A 72 -18.22 -27.02 13.02
C VAL A 72 -17.40 -27.53 14.20
N ASP A 73 -16.84 -26.61 14.96
CA ASP A 73 -16.14 -26.89 16.21
C ASP A 73 -16.81 -26.03 17.28
N ASN A 74 -17.79 -26.60 17.96
CA ASN A 74 -18.55 -25.78 18.91
C ASN A 74 -17.69 -25.28 20.06
N SER A 75 -16.69 -26.07 20.47
CA SER A 75 -15.86 -25.67 21.59
C SER A 75 -15.04 -24.44 21.24
N SER A 76 -14.82 -24.17 19.96
CA SER A 76 -14.11 -22.98 19.51
C SER A 76 -15.01 -21.97 18.82
N SER A 77 -16.33 -22.21 18.85
CA SER A 77 -17.29 -21.30 18.24
C SER A 77 -16.89 -20.94 16.81
N THR A 78 -16.43 -21.93 16.06
CA THR A 78 -15.88 -21.75 14.73
C THR A 78 -16.51 -22.72 13.75
N ALA A 79 -16.80 -22.21 12.55
CA ALA A 79 -17.31 -23.01 11.46
C ALA A 79 -16.25 -23.06 10.35
N TYR A 80 -16.22 -24.15 9.63
CA TYR A 80 -15.24 -24.38 8.58
C TYR A 80 -15.95 -24.75 7.31
N MET A 81 -15.39 -24.31 6.18
CA MET A 81 -15.80 -24.78 4.86
C MET A 81 -14.56 -25.28 4.11
N GLU A 82 -14.62 -26.50 3.62
CA GLU A 82 -13.54 -27.11 2.87
C GLU A 82 -13.91 -27.12 1.40
N LEU A 83 -12.97 -26.69 0.56
CA LEU A 83 -13.15 -26.72 -0.88
C LEU A 83 -12.10 -27.63 -1.48
N ARG A 84 -12.53 -28.53 -2.38
CA ARG A 84 -11.63 -29.46 -3.02
C ARG A 84 -11.64 -29.26 -4.52
N GLY A 85 -10.65 -29.85 -5.20
CA GLY A 85 -10.55 -29.75 -6.65
C GLY A 85 -10.57 -28.35 -7.19
N LEU A 86 -10.00 -27.40 -6.45
CA LEU A 86 -10.15 -26.00 -6.78
C LEU A 86 -9.60 -25.70 -8.17
N THR A 87 -10.30 -24.82 -8.89
CA THR A 87 -9.87 -24.34 -10.18
C THR A 87 -10.06 -22.83 -10.22
N SER A 88 -9.48 -22.20 -11.27
CA SER A 88 -9.59 -20.75 -11.39
C SER A 88 -11.05 -20.30 -11.29
N ASP A 89 -11.98 -21.11 -11.76
CA ASP A 89 -13.39 -20.80 -11.66
C ASP A 89 -13.84 -20.62 -10.21
N ASP A 90 -13.07 -21.14 -9.24
CA ASP A 90 -13.42 -21.01 -7.84
C ASP A 90 -12.84 -19.77 -7.19
N SER A 91 -12.05 -18.99 -7.92
CA SER A 91 -11.58 -17.73 -7.39
C SER A 91 -12.76 -16.81 -7.07
N ALA A 92 -12.78 -16.27 -5.84
CA ALA A 92 -13.88 -15.44 -5.41
C ALA A 92 -13.65 -14.99 -3.99
N VAL A 93 -14.56 -14.13 -3.48
CA VAL A 93 -14.65 -13.84 -2.05
C VAL A 93 -15.72 -14.76 -1.45
N TYR A 94 -15.44 -15.31 -0.28
CA TYR A 94 -16.32 -16.27 0.37
C TYR A 94 -16.78 -15.68 1.70
N PHE A 95 -18.09 -15.67 1.93
CA PHE A 95 -18.68 -15.06 3.10
C PHE A 95 -19.32 -16.12 3.98
N CYS A 96 -19.20 -15.95 5.28
CA CYS A 96 -20.08 -16.62 6.23
C CYS A 96 -21.05 -15.59 6.77
N ALA A 97 -22.15 -16.05 7.34
CA ALA A 97 -23.19 -15.14 7.79
C ALA A 97 -24.15 -15.88 8.73
N ARG A 98 -24.92 -15.11 9.46
CA ARG A 98 -25.89 -15.60 10.44
C ARG A 98 -27.20 -14.82 10.29
N SER A 99 -28.30 -15.55 10.30
CA SER A 99 -29.61 -14.91 10.14
C SER A 99 -29.89 -13.93 11.31
N ARG A 100 -30.84 -13.03 11.07
CA ARG A 100 -31.37 -12.17 12.12
C ARG A 100 -31.81 -13.02 13.32
N SER A 101 -31.80 -12.42 14.51
CA SER A 101 -32.21 -13.13 15.72
C SER A 101 -33.70 -13.50 15.67
N TYR A 102 -34.03 -14.63 16.29
CA TYR A 102 -35.37 -15.16 16.24
C TYR A 102 -36.36 -14.21 16.86
N TYR A 103 -37.61 -14.35 16.41
CA TYR A 103 -38.76 -13.63 16.92
C TYR A 103 -38.81 -12.19 16.45
N ASN A 104 -37.84 -11.37 16.86
CA ASN A 104 -37.90 -9.95 16.52
C ASN A 104 -36.54 -9.36 16.12
N GLY A 105 -35.67 -10.17 15.52
CA GLY A 105 -34.40 -9.64 15.05
C GLY A 105 -34.58 -8.84 13.76
N SER A 106 -33.84 -7.75 13.67
CA SER A 106 -33.87 -6.90 12.48
C SER A 106 -32.50 -6.72 11.85
N ARG A 107 -31.48 -7.39 12.37
CA ARG A 107 -30.11 -7.29 11.87
C ARG A 107 -29.50 -8.68 11.72
N ASP A 108 -29.05 -9.02 10.52
CA ASP A 108 -28.24 -10.20 10.30
C ASP A 108 -26.77 -9.84 10.52
N TYR A 109 -25.89 -10.81 10.32
CA TYR A 109 -24.47 -10.62 10.56
C TYR A 109 -23.65 -11.34 9.48
N TRP A 110 -22.69 -10.65 8.91
CA TRP A 110 -21.79 -11.19 7.90
C TRP A 110 -20.34 -11.06 8.35
N GLY A 111 -19.53 -12.04 7.97
CA GLY A 111 -18.10 -11.87 8.08
C GLY A 111 -17.57 -10.94 7.03
N GLN A 112 -16.29 -10.59 7.17
CA GLN A 112 -15.64 -9.65 6.26
C GLN A 112 -15.26 -10.28 4.94
N GLY A 113 -15.46 -11.57 4.78
CA GLY A 113 -15.11 -12.25 3.55
C GLY A 113 -13.66 -12.68 3.54
N THR A 114 -13.41 -13.80 2.85
CA THR A 114 -12.06 -14.28 2.59
C THR A 114 -11.89 -14.36 1.09
N SER A 115 -10.83 -13.73 0.58
CA SER A 115 -10.52 -13.75 -0.84
C SER A 115 -9.73 -15.01 -1.18
N LEU A 116 -10.19 -15.74 -2.19
CA LEU A 116 -9.54 -16.94 -2.68
C LEU A 116 -9.09 -16.70 -4.11
N THR A 117 -7.81 -16.92 -4.37
CA THR A 117 -7.23 -16.81 -5.70
C THR A 117 -6.63 -18.15 -6.07
N VAL A 118 -7.17 -18.77 -7.11
CA VAL A 118 -6.77 -20.09 -7.54
C VAL A 118 -5.96 -19.94 -8.82
N SER A 119 -4.62 -20.09 -8.70
CA SER A 119 -3.74 -19.85 -9.82
C SER A 119 -2.44 -20.61 -9.63
N SER A 120 -1.79 -20.90 -10.76
CA SER A 120 -0.53 -21.62 -10.77
C SER A 120 0.68 -20.71 -10.92
N ALA A 121 0.49 -19.40 -10.83
CA ALA A 121 1.57 -18.46 -11.09
C ALA A 121 2.50 -18.35 -9.89
N LYS A 122 3.69 -17.84 -10.14
CA LYS A 122 4.68 -17.53 -9.12
C LYS A 122 4.76 -16.01 -8.93
N THR A 123 5.05 -15.59 -7.70
CA THR A 123 5.28 -14.20 -7.40
C THR A 123 6.21 -13.57 -8.44
N THR A 124 5.69 -12.58 -9.18
CA THR A 124 6.45 -11.97 -10.25
C THR A 124 6.38 -10.45 -10.11
N PRO A 125 7.51 -9.75 -10.21
CA PRO A 125 7.48 -8.28 -10.15
C PRO A 125 6.99 -7.72 -11.46
N PRO A 126 6.40 -6.53 -11.44
CA PRO A 126 5.88 -5.93 -12.68
C PRO A 126 6.97 -5.35 -13.57
N SER A 127 6.68 -5.35 -14.87
CA SER A 127 7.38 -4.53 -15.83
C SER A 127 6.65 -3.19 -15.89
N VAL A 128 7.39 -2.10 -15.80
CA VAL A 128 6.83 -0.74 -15.80
C VAL A 128 7.28 -0.02 -17.06
N TYR A 129 6.34 0.25 -17.97
CA TYR A 129 6.63 0.90 -19.23
C TYR A 129 5.97 2.28 -19.28
N PRO A 130 6.68 3.30 -19.76
CA PRO A 130 6.09 4.63 -19.84
C PRO A 130 5.26 4.81 -21.10
N LEU A 131 4.16 5.52 -20.96
CA LEU A 131 3.29 5.87 -22.09
C LEU A 131 3.41 7.37 -22.36
N ALA A 132 4.15 7.73 -23.43
CA ALA A 132 4.37 9.07 -23.88
C ALA A 132 3.60 9.34 -25.16
N PRO A 133 3.16 10.58 -25.38
CA PRO A 133 2.42 10.88 -26.62
C PRO A 133 3.24 10.57 -27.87
N GLY A 134 2.55 10.21 -28.94
CA GLY A 134 3.20 9.91 -30.21
C GLY A 134 3.75 11.15 -30.90
N SER A 141 -2.98 22.09 -24.47
CA SER A 141 -2.80 22.77 -23.19
C SER A 141 -2.61 21.76 -22.04
N MET A 142 -3.46 20.73 -22.01
CA MET A 142 -3.34 19.64 -21.05
C MET A 142 -2.84 18.41 -21.80
N VAL A 143 -1.86 17.73 -21.23
CA VAL A 143 -1.26 16.54 -21.83
C VAL A 143 -1.47 15.36 -20.90
N THR A 144 -1.79 14.21 -21.48
CA THR A 144 -2.06 13.00 -20.74
C THR A 144 -0.88 12.02 -20.93
N LEU A 145 -0.30 11.56 -19.81
CA LEU A 145 0.76 10.58 -19.80
C LEU A 145 0.26 9.32 -19.12
N GLY A 146 0.96 8.22 -19.34
CA GLY A 146 0.54 6.95 -18.83
C GLY A 146 1.71 6.10 -18.32
N CYS A 147 1.35 5.04 -17.59
CA CYS A 147 2.28 4.09 -17.00
C CYS A 147 1.65 2.72 -17.18
N LEU A 148 2.38 1.79 -17.77
CA LEU A 148 1.88 0.45 -18.04
C LEU A 148 2.59 -0.56 -17.14
N VAL A 149 1.82 -1.20 -16.26
CA VAL A 149 2.33 -2.17 -15.30
C VAL A 149 1.88 -3.54 -15.78
N LYS A 150 2.81 -4.35 -16.29
CA LYS A 150 2.46 -5.57 -16.99
C LYS A 150 3.12 -6.78 -16.37
N GLY A 151 2.39 -7.89 -16.38
CA GLY A 151 2.94 -9.21 -16.06
C GLY A 151 3.42 -9.42 -14.65
N TYR A 152 2.65 -8.94 -13.66
CA TYR A 152 2.98 -9.13 -12.26
C TYR A 152 2.01 -10.13 -11.62
N PHE A 153 2.36 -10.54 -10.39
CA PHE A 153 1.56 -11.49 -9.63
C PHE A 153 2.14 -11.60 -8.23
N PRO A 154 1.30 -11.66 -7.18
CA PRO A 154 -0.16 -11.53 -7.19
C PRO A 154 -0.61 -10.08 -7.09
N GLU A 155 -1.93 -9.83 -7.03
CA GLU A 155 -2.42 -8.52 -6.64
C GLU A 155 -2.02 -8.24 -5.19
N PRO A 156 -1.98 -6.97 -4.80
CA PRO A 156 -2.21 -5.77 -5.60
C PRO A 156 -0.90 -5.06 -5.98
N VAL A 157 -1.04 -3.92 -6.66
CA VAL A 157 0.05 -2.98 -6.90
C VAL A 157 -0.48 -1.59 -6.57
N THR A 158 0.42 -0.71 -6.17
CA THR A 158 0.08 0.68 -5.88
C THR A 158 0.87 1.57 -6.83
N VAL A 159 0.16 2.43 -7.56
CA VAL A 159 0.72 3.31 -8.57
C VAL A 159 0.53 4.75 -8.11
N THR A 160 1.61 5.50 -8.08
CA THR A 160 1.57 6.92 -7.78
C THR A 160 2.34 7.70 -8.85
N TRP A 161 2.17 9.01 -8.83
CA TRP A 161 2.82 9.90 -9.79
C TRP A 161 3.59 11.00 -9.07
N ASN A 162 4.87 11.15 -9.44
CA ASN A 162 5.77 12.10 -8.78
C ASN A 162 5.71 11.94 -7.26
N SER A 163 5.65 10.68 -6.82
CA SER A 163 5.72 10.32 -5.40
C SER A 163 4.56 10.93 -4.61
N GLY A 164 3.45 11.19 -5.26
CA GLY A 164 2.25 11.65 -4.60
C GLY A 164 1.93 13.11 -4.79
N SER A 165 2.84 13.91 -5.34
CA SER A 165 2.55 15.33 -5.58
C SER A 165 1.60 15.53 -6.76
N LEU A 166 1.53 14.59 -7.70
CA LEU A 166 0.51 14.56 -8.75
C LEU A 166 -0.56 13.57 -8.31
N SER A 167 -1.54 14.05 -7.56
CA SER A 167 -2.64 13.22 -7.09
C SER A 167 -3.94 13.45 -7.85
N SER A 168 -4.20 14.66 -8.31
CA SER A 168 -5.43 14.96 -9.04
C SER A 168 -5.21 14.75 -10.52
N GLY A 169 -6.28 14.35 -11.21
CA GLY A 169 -6.21 14.13 -12.63
C GLY A 169 -5.58 12.82 -13.06
N VAL A 170 -5.54 11.84 -12.18
CA VAL A 170 -4.94 10.53 -12.48
C VAL A 170 -6.02 9.46 -12.33
N HIS A 171 -5.98 8.49 -13.24
CA HIS A 171 -6.87 7.34 -13.21
C HIS A 171 -6.00 6.09 -13.25
N THR A 172 -6.13 5.25 -12.24
CA THR A 172 -5.49 3.94 -12.19
C THR A 172 -6.57 2.89 -12.37
N PHE A 173 -6.47 2.10 -13.43
CA PHE A 173 -7.52 1.21 -13.84
C PHE A 173 -7.37 -0.18 -13.22
N PRO A 174 -8.49 -0.86 -12.99
CA PRO A 174 -8.41 -2.21 -12.38
C PRO A 174 -7.59 -3.16 -13.24
N ALA A 175 -6.89 -4.08 -12.57
CA ALA A 175 -6.03 -5.02 -13.26
C ALA A 175 -6.87 -6.03 -14.03
N VAL A 176 -6.27 -6.59 -15.07
CA VAL A 176 -6.88 -7.63 -15.89
C VAL A 176 -5.90 -8.79 -15.98
N LEU A 177 -6.44 -10.00 -16.08
CA LEU A 177 -5.64 -11.22 -16.15
C LEU A 177 -5.23 -11.43 -17.59
N GLN A 178 -3.95 -11.19 -17.88
CA GLN A 178 -3.40 -11.37 -19.22
C GLN A 178 -2.28 -12.39 -19.13
N SER A 179 -2.41 -13.46 -19.94
CA SER A 179 -1.42 -14.55 -19.95
C SER A 179 -1.13 -15.04 -18.55
N ASP A 180 -2.19 -15.16 -17.74
CA ASP A 180 -2.16 -15.67 -16.38
C ASP A 180 -1.39 -14.77 -15.42
N LEU A 181 -1.08 -13.56 -15.83
CA LEU A 181 -0.51 -12.54 -14.97
C LEU A 181 -1.40 -11.30 -14.99
N TYR A 182 -1.09 -10.35 -14.13
CA TYR A 182 -1.90 -9.16 -14.01
C TYR A 182 -1.29 -8.00 -14.79
N THR A 183 -2.17 -7.16 -15.34
CA THR A 183 -1.76 -5.98 -16.10
C THR A 183 -2.74 -4.86 -15.80
N LEU A 184 -2.21 -3.68 -15.49
CA LEU A 184 -3.00 -2.48 -15.39
C LEU A 184 -2.25 -1.29 -15.98
N SER A 185 -2.97 -0.21 -16.20
CA SER A 185 -2.40 1.04 -16.65
C SER A 185 -2.93 2.17 -15.77
N SER A 186 -2.16 3.27 -15.74
CA SER A 186 -2.54 4.47 -15.03
C SER A 186 -2.24 5.67 -15.94
N SER A 187 -3.12 6.64 -15.93
CA SER A 187 -2.95 7.86 -16.70
C SER A 187 -2.89 9.05 -15.76
N VAL A 188 -2.21 10.10 -16.23
CA VAL A 188 -2.14 11.37 -15.51
C VAL A 188 -2.18 12.49 -16.51
N THR A 189 -2.96 13.53 -16.20
CA THR A 189 -3.15 14.67 -17.07
C THR A 189 -2.56 15.91 -16.41
N VAL A 190 -1.63 16.57 -17.11
CA VAL A 190 -1.00 17.80 -16.61
C VAL A 190 -0.93 18.83 -17.69
N PRO A 191 -0.88 20.12 -17.33
CA PRO A 191 -0.73 21.17 -18.34
C PRO A 191 0.52 20.98 -19.16
N SER A 192 0.44 21.35 -20.43
CA SER A 192 1.60 21.20 -21.33
C SER A 192 2.79 22.08 -20.93
N SER A 193 2.54 23.14 -20.15
CA SER A 193 3.63 24.00 -19.69
C SER A 193 4.44 23.36 -18.55
N THR A 194 4.06 22.17 -18.08
CA THR A 194 4.79 21.46 -17.05
C THR A 194 5.53 20.23 -17.56
N TRP A 195 5.08 19.63 -18.65
CA TRP A 195 5.75 18.45 -19.22
C TRP A 195 5.97 18.72 -20.70
N PRO A 196 7.15 18.45 -21.23
CA PRO A 196 8.32 17.82 -20.55
C PRO A 196 9.30 18.82 -19.93
N SER A 197 8.93 20.09 -19.81
CA SER A 197 9.78 21.06 -19.15
C SER A 197 10.08 20.67 -17.70
N GLU A 198 9.22 19.86 -17.08
CA GLU A 198 9.45 19.34 -15.75
C GLU A 198 9.16 17.83 -15.73
N THR A 199 9.74 17.15 -14.74
CA THR A 199 9.75 15.70 -14.71
C THR A 199 8.41 15.15 -14.24
N VAL A 200 7.94 14.11 -14.92
CA VAL A 200 6.77 13.34 -14.51
C VAL A 200 7.20 11.88 -14.44
N THR A 201 6.97 11.25 -13.29
CA THR A 201 7.41 9.91 -13.01
C THR A 201 6.29 9.12 -12.34
N CYS A 202 6.04 7.90 -12.83
CA CYS A 202 5.12 6.99 -12.14
C CYS A 202 5.94 6.11 -11.21
N ASN A 203 5.40 5.85 -10.03
CA ASN A 203 6.04 5.02 -9.01
C ASN A 203 5.16 3.82 -8.75
N VAL A 204 5.71 2.63 -8.97
CA VAL A 204 4.96 1.38 -8.83
C VAL A 204 5.59 0.56 -7.72
N ALA A 205 4.77 0.12 -6.77
CA ALA A 205 5.22 -0.74 -5.67
C ALA A 205 4.46 -2.05 -5.72
N HIS A 206 5.19 -3.17 -5.66
CA HIS A 206 4.62 -4.50 -5.54
C HIS A 206 5.04 -5.10 -4.21
N PRO A 207 4.23 -4.93 -3.15
CA PRO A 207 4.66 -5.41 -1.82
C PRO A 207 5.03 -6.87 -1.78
N ALA A 208 4.32 -7.73 -2.51
CA ALA A 208 4.60 -9.16 -2.46
C ALA A 208 6.05 -9.46 -2.80
N SER A 209 6.58 -8.85 -3.85
CA SER A 209 7.95 -9.06 -4.28
C SER A 209 8.90 -7.98 -3.77
N SER A 210 8.42 -7.10 -2.90
CA SER A 210 9.23 -6.00 -2.38
C SER A 210 9.82 -5.16 -3.51
N THR A 211 8.95 -4.73 -4.43
CA THR A 211 9.31 -3.89 -5.55
C THR A 211 8.93 -2.47 -5.33
N LYS A 212 9.79 -1.55 -5.78
CA LYS A 212 9.50 -0.12 -5.76
C LYS A 212 10.32 0.49 -6.90
N VAL A 213 9.70 0.55 -8.09
CA VAL A 213 10.35 1.00 -9.32
C VAL A 213 9.82 2.38 -9.69
N ASP A 214 10.71 3.22 -10.20
CA ASP A 214 10.39 4.56 -10.69
C ASP A 214 10.68 4.59 -12.18
N LYS A 215 9.74 5.13 -12.96
CA LYS A 215 9.86 5.18 -14.42
C LYS A 215 9.52 6.59 -14.87
N LYS A 216 10.49 7.27 -15.45
CA LYS A 216 10.30 8.63 -15.93
C LYS A 216 9.65 8.62 -17.30
N ILE A 217 8.72 9.55 -17.52
CA ILE A 217 8.08 9.72 -18.82
C ILE A 217 8.86 10.77 -19.61
N VAL A 218 9.45 10.34 -20.72
CA VAL A 218 10.27 11.22 -21.53
C VAL A 218 9.64 11.37 -22.90
N PRO A 219 9.76 12.54 -23.54
CA PRO A 219 9.23 12.67 -24.90
C PRO A 219 9.98 11.77 -25.87
N ARG A 220 9.23 11.14 -26.77
CA ARG A 220 9.81 10.29 -27.81
C ARG A 220 10.01 11.15 -29.06
N ASP A 221 11.24 11.18 -29.56
CA ASP A 221 11.57 11.97 -30.76
C ASP A 221 12.07 11.09 -31.89
N GLN B 1 -32.69 -23.03 -8.41
CA GLN B 1 -33.86 -23.43 -9.23
C GLN B 1 -34.78 -22.23 -9.43
N ILE B 2 -35.18 -21.56 -8.35
CA ILE B 2 -35.90 -20.28 -8.47
C ILE B 2 -34.92 -19.25 -9.01
N VAL B 3 -35.19 -18.74 -10.21
CA VAL B 3 -34.34 -17.75 -10.85
C VAL B 3 -34.93 -16.38 -10.59
N LEU B 4 -34.10 -15.46 -10.11
CA LEU B 4 -34.52 -14.10 -9.84
C LEU B 4 -33.91 -13.20 -10.90
N THR B 5 -34.73 -12.32 -11.48
CA THR B 5 -34.32 -11.44 -12.56
C THR B 5 -34.61 -10.01 -12.14
N GLN B 6 -33.57 -9.26 -11.87
CA GLN B 6 -33.70 -7.86 -11.48
C GLN B 6 -33.55 -6.95 -12.70
N SER B 7 -34.48 -6.03 -12.86
CA SER B 7 -34.45 -5.08 -13.96
C SER B 7 -34.87 -3.73 -13.40
N PRO B 8 -34.27 -2.64 -13.88
CA PRO B 8 -33.16 -2.58 -14.85
C PRO B 8 -31.84 -3.00 -14.22
N ALA B 9 -30.95 -3.67 -14.96
CA ALA B 9 -29.65 -4.01 -14.40
C ALA B 9 -28.84 -2.77 -14.09
N ILE B 10 -29.21 -1.64 -14.68
CA ILE B 10 -28.48 -0.39 -14.51
C ILE B 10 -29.50 0.76 -14.59
N MET B 11 -29.47 1.65 -13.60
CA MET B 11 -30.34 2.79 -13.63
C MET B 11 -29.66 3.95 -12.93
N SER B 12 -30.11 5.15 -13.28
CA SER B 12 -29.51 6.39 -12.80
C SER B 12 -30.57 7.23 -12.11
N ALA B 13 -30.14 7.97 -11.10
CA ALA B 13 -31.01 8.87 -10.39
C ALA B 13 -30.18 9.97 -9.76
N SER B 14 -30.80 11.11 -9.52
CA SER B 14 -30.19 12.21 -8.78
C SER B 14 -30.90 12.38 -7.45
N PRO B 15 -30.23 12.95 -6.45
CA PRO B 15 -30.89 13.21 -5.17
C PRO B 15 -32.23 13.89 -5.37
N GLY B 16 -33.24 13.43 -4.63
CA GLY B 16 -34.58 13.92 -4.73
C GLY B 16 -35.51 13.06 -5.54
N GLU B 17 -34.99 12.19 -6.39
CA GLU B 17 -35.82 11.36 -7.24
C GLU B 17 -36.30 10.09 -6.50
N LYS B 18 -37.45 9.60 -6.91
CA LYS B 18 -37.98 8.33 -6.43
C LYS B 18 -37.42 7.19 -7.29
N VAL B 19 -36.91 6.16 -6.64
CA VAL B 19 -36.27 5.03 -7.30
C VAL B 19 -37.05 3.76 -6.99
N THR B 20 -37.38 3.00 -8.01
CA THR B 20 -38.02 1.71 -7.85
C THR B 20 -37.22 0.66 -8.62
N MET B 21 -36.79 -0.39 -7.93
CA MET B 21 -36.09 -1.53 -8.51
C MET B 21 -36.98 -2.76 -8.36
N THR B 22 -36.99 -3.61 -9.37
CA THR B 22 -37.88 -4.76 -9.42
C THR B 22 -37.07 -6.04 -9.42
N CYS B 23 -37.69 -7.12 -8.92
CA CYS B 23 -37.09 -8.44 -8.87
C CYS B 23 -38.20 -9.41 -9.25
N SER B 24 -38.04 -10.05 -10.41
CA SER B 24 -39.04 -10.96 -10.96
C SER B 24 -38.58 -12.39 -10.73
N ALA B 25 -39.42 -13.19 -10.07
CA ALA B 25 -39.10 -14.56 -9.74
C ALA B 25 -39.69 -15.54 -10.76
N SER B 26 -38.97 -16.63 -11.00
CA SER B 26 -39.44 -17.64 -11.95
C SER B 26 -40.58 -18.46 -11.39
N SER B 27 -40.79 -18.43 -10.07
CA SER B 27 -41.90 -19.12 -9.44
C SER B 27 -42.24 -18.40 -8.13
N SER B 28 -43.33 -18.84 -7.49
CA SER B 28 -43.86 -18.15 -6.34
C SER B 28 -42.81 -18.09 -5.22
N VAL B 29 -42.62 -16.90 -4.63
CA VAL B 29 -41.73 -16.68 -3.52
C VAL B 29 -42.53 -16.11 -2.36
N ASN B 30 -42.32 -16.68 -1.17
CA ASN B 30 -43.08 -16.25 0.00
C ASN B 30 -42.35 -15.19 0.82
N TYR B 31 -41.02 -15.18 0.80
CA TYR B 31 -40.24 -14.21 1.55
C TYR B 31 -39.09 -13.72 0.67
N MET B 32 -39.00 -12.39 0.49
CA MET B 32 -37.94 -11.79 -0.33
C MET B 32 -37.06 -10.92 0.54
N TYR B 33 -35.75 -11.08 0.41
CA TYR B 33 -34.77 -10.25 1.07
C TYR B 33 -34.16 -9.25 0.09
N TRP B 34 -33.57 -8.19 0.62
CA TRP B 34 -32.88 -7.18 -0.18
C TRP B 34 -31.60 -6.78 0.52
N TYR B 35 -30.51 -6.63 -0.26
CA TYR B 35 -29.22 -6.27 0.29
C TYR B 35 -28.64 -5.14 -0.52
N GLN B 36 -27.89 -4.28 0.12
CA GLN B 36 -27.10 -3.24 -0.50
C GLN B 36 -25.62 -3.57 -0.41
N GLN B 37 -24.87 -3.25 -1.46
CA GLN B 37 -23.43 -3.48 -1.45
C GLN B 37 -22.69 -2.42 -2.26
N LYS B 38 -21.67 -1.84 -1.66
CA LYS B 38 -20.73 -0.95 -2.34
C LYS B 38 -19.37 -1.64 -2.45
N PRO B 39 -18.53 -1.19 -3.36
CA PRO B 39 -17.21 -1.85 -3.54
C PRO B 39 -16.42 -1.84 -2.25
N GLY B 40 -15.91 -3.02 -1.88
CA GLY B 40 -15.10 -3.15 -0.69
C GLY B 40 -15.87 -3.39 0.58
N SER B 41 -17.14 -3.78 0.49
CA SER B 41 -17.96 -3.90 1.68
C SER B 41 -18.82 -5.17 1.60
N SER B 42 -19.20 -5.66 2.76
CA SER B 42 -20.08 -6.82 2.84
C SER B 42 -21.49 -6.43 2.41
N PRO B 43 -22.28 -7.38 1.91
CA PRO B 43 -23.69 -7.09 1.63
C PRO B 43 -24.42 -6.67 2.90
N ARG B 44 -25.19 -5.61 2.80
CA ARG B 44 -25.84 -4.97 3.95
C ARG B 44 -27.34 -5.21 3.80
N LEU B 45 -27.92 -5.89 4.79
CA LEU B 45 -29.34 -6.22 4.75
C LEU B 45 -30.19 -4.97 4.87
N LEU B 46 -31.18 -4.89 4.00
CA LEU B 46 -32.12 -3.77 3.98
C LEU B 46 -33.54 -4.21 4.31
N ILE B 47 -34.02 -5.29 3.69
CA ILE B 47 -35.38 -5.75 3.82
C ILE B 47 -35.32 -7.26 4.12
N TYR B 48 -35.97 -7.69 5.19
CA TYR B 48 -36.14 -9.11 5.48
C TYR B 48 -37.62 -9.48 5.46
N ASP B 49 -37.90 -10.68 4.98
CA ASP B 49 -39.28 -11.17 4.77
C ASP B 49 -40.14 -10.15 4.02
N THR B 50 -39.62 -9.68 2.88
CA THR B 50 -40.35 -8.98 1.83
C THR B 50 -40.63 -7.51 2.13
N SER B 51 -41.07 -7.19 3.35
CA SER B 51 -41.51 -5.84 3.65
C SER B 51 -41.09 -5.33 5.02
N ASN B 52 -40.12 -5.94 5.66
CA ASN B 52 -39.68 -5.50 6.97
C ASN B 52 -38.38 -4.74 6.85
N LEU B 53 -38.31 -3.58 7.51
CA LEU B 53 -37.12 -2.71 7.43
C LEU B 53 -36.03 -3.20 8.37
N ALA B 54 -34.86 -3.47 7.82
CA ALA B 54 -33.74 -3.90 8.64
C ALA B 54 -33.22 -2.77 9.51
N SER B 55 -32.49 -3.13 10.56
CA SER B 55 -32.06 -2.16 11.55
C SER B 55 -30.98 -1.26 10.99
N GLY B 56 -31.03 0.02 11.35
CA GLY B 56 -30.01 0.96 10.91
C GLY B 56 -30.14 1.45 9.49
N VAL B 57 -31.24 1.16 8.80
CA VAL B 57 -31.40 1.62 7.43
C VAL B 57 -32.54 2.65 7.39
N PRO B 58 -32.43 3.68 6.57
CA PRO B 58 -33.36 4.81 6.68
C PRO B 58 -34.77 4.50 6.15
N VAL B 59 -35.73 5.28 6.67
CA VAL B 59 -37.14 5.07 6.40
C VAL B 59 -37.52 5.47 4.97
N ARG B 60 -36.55 5.95 4.16
CA ARG B 60 -36.85 6.14 2.75
C ARG B 60 -36.88 4.83 1.97
N PHE B 61 -36.39 3.74 2.56
CA PHE B 61 -36.44 2.43 1.90
C PHE B 61 -37.76 1.72 2.21
N SER B 62 -38.21 0.91 1.27
CA SER B 62 -39.40 0.10 1.48
C SER B 62 -39.34 -1.09 0.53
N GLY B 63 -39.77 -2.24 1.04
CA GLY B 63 -39.87 -3.47 0.27
C GLY B 63 -41.31 -3.89 0.13
N SER B 64 -41.66 -4.46 -1.03
CA SER B 64 -43.00 -4.94 -1.27
C SER B 64 -42.94 -6.03 -2.34
N GLY B 65 -44.08 -6.63 -2.62
CA GLY B 65 -44.20 -7.66 -3.62
C GLY B 65 -44.94 -8.87 -3.09
N SER B 66 -45.35 -9.73 -4.04
CA SER B 66 -46.02 -10.97 -3.71
C SER B 66 -45.95 -11.89 -4.92
N GLY B 67 -46.09 -13.17 -4.67
CA GLY B 67 -46.07 -14.16 -5.71
C GLY B 67 -44.75 -14.17 -6.48
N THR B 68 -44.75 -13.52 -7.62
CA THR B 68 -43.64 -13.58 -8.55
C THR B 68 -43.04 -12.21 -8.87
N SER B 69 -43.58 -11.11 -8.33
CA SER B 69 -43.07 -9.78 -8.62
C SER B 69 -42.83 -9.05 -7.32
N PHE B 70 -41.64 -8.47 -7.18
CA PHE B 70 -41.25 -7.78 -5.96
C PHE B 70 -40.54 -6.49 -6.29
N SER B 71 -40.50 -5.58 -5.31
CA SER B 71 -39.93 -4.27 -5.56
C SER B 71 -39.22 -3.73 -4.33
N LEU B 72 -38.18 -2.93 -4.57
CA LEU B 72 -37.50 -2.16 -3.55
C LEU B 72 -37.57 -0.69 -3.98
N THR B 73 -37.89 0.19 -3.04
CA THR B 73 -38.17 1.58 -3.37
C THR B 73 -37.41 2.50 -2.44
N ILE B 74 -36.90 3.58 -3.00
CA ILE B 74 -36.25 4.65 -2.26
C ILE B 74 -37.12 5.89 -2.51
N SER B 75 -37.89 6.30 -1.50
CA SER B 75 -38.88 7.36 -1.70
C SER B 75 -38.21 8.62 -2.20
N ARG B 76 -37.06 8.98 -1.65
CA ARG B 76 -36.28 10.12 -2.13
C ARG B 76 -34.81 9.69 -2.18
N MET B 77 -34.26 9.59 -3.37
CA MET B 77 -32.86 9.24 -3.56
C MET B 77 -31.95 10.24 -2.86
N GLU B 78 -30.91 9.71 -2.20
CA GLU B 78 -29.79 10.50 -1.71
C GLU B 78 -28.51 9.94 -2.32
N ALA B 79 -27.50 10.80 -2.44
CA ALA B 79 -26.26 10.40 -3.13
C ALA B 79 -25.64 9.14 -2.54
N GLU B 80 -25.65 9.00 -1.21
CA GLU B 80 -25.02 7.86 -0.58
C GLU B 80 -25.75 6.54 -0.86
N ASP B 81 -26.87 6.56 -1.56
CA ASP B 81 -27.54 5.33 -1.95
C ASP B 81 -27.02 4.76 -3.28
N ALA B 82 -26.06 5.42 -3.91
CA ALA B 82 -25.38 4.85 -5.06
C ALA B 82 -24.72 3.53 -4.65
N ALA B 83 -25.12 2.45 -5.29
CA ALA B 83 -24.66 1.10 -4.94
C ALA B 83 -25.35 0.09 -5.82
N THR B 84 -25.01 -1.19 -5.64
CA THR B 84 -25.72 -2.28 -6.29
C THR B 84 -26.65 -2.90 -5.27
N TYR B 85 -27.83 -3.33 -5.71
CA TYR B 85 -28.86 -3.89 -4.84
C TYR B 85 -29.22 -5.29 -5.31
N PHE B 86 -29.23 -6.24 -4.38
CA PHE B 86 -29.53 -7.63 -4.67
C PHE B 86 -30.85 -8.02 -4.00
N CYS B 87 -31.69 -8.76 -4.72
CA CYS B 87 -32.79 -9.47 -4.11
C CYS B 87 -32.39 -10.91 -3.85
N GLN B 88 -32.97 -11.50 -2.81
CA GLN B 88 -32.68 -12.91 -2.44
C GLN B 88 -33.95 -13.51 -1.90
N GLN B 89 -34.40 -14.59 -2.48
CA GLN B 89 -35.58 -15.29 -2.03
C GLN B 89 -35.18 -16.28 -0.93
N TRP B 90 -35.92 -16.25 0.17
CA TRP B 90 -35.77 -17.23 1.24
C TRP B 90 -37.08 -18.03 1.39
N SER B 91 -37.55 -18.59 0.29
CA SER B 91 -38.82 -19.31 0.23
C SER B 91 -38.63 -20.80 0.02
N SER B 92 -37.72 -21.18 -0.87
CA SER B 92 -37.43 -22.59 -1.16
C SER B 92 -35.93 -22.75 -1.33
N TYR B 93 -35.48 -23.96 -1.17
CA TYR B 93 -34.02 -24.19 -1.30
C TYR B 93 -33.71 -24.84 -2.65
N PRO B 94 -32.56 -24.56 -3.24
CA PRO B 94 -31.47 -23.70 -2.74
C PRO B 94 -31.81 -22.19 -2.79
N LEU B 95 -31.28 -21.45 -1.81
CA LEU B 95 -31.43 -20.00 -1.82
C LEU B 95 -30.70 -19.39 -3.01
N THR B 96 -31.33 -18.44 -3.66
CA THR B 96 -30.81 -17.83 -4.86
C THR B 96 -30.90 -16.32 -4.78
N PHE B 97 -29.99 -15.63 -5.47
CA PHE B 97 -29.94 -14.20 -5.57
C PHE B 97 -30.16 -13.80 -7.03
N GLY B 98 -30.66 -12.56 -7.22
CA GLY B 98 -30.66 -11.97 -8.53
C GLY B 98 -29.26 -11.43 -8.90
N ALA B 99 -29.09 -11.08 -10.17
CA ALA B 99 -27.82 -10.54 -10.64
C ALA B 99 -27.57 -9.10 -10.17
N GLY B 100 -28.51 -8.50 -9.47
CA GLY B 100 -28.30 -7.18 -8.91
C GLY B 100 -28.75 -6.06 -9.85
N THR B 101 -28.97 -4.90 -9.25
CA THR B 101 -29.34 -3.69 -9.97
C THR B 101 -28.35 -2.60 -9.57
N ASN B 102 -27.62 -2.07 -10.54
CA ASN B 102 -26.63 -1.03 -10.28
C ASN B 102 -27.31 0.34 -10.31
N LEU B 103 -27.26 1.04 -9.18
CA LEU B 103 -27.86 2.36 -9.06
C LEU B 103 -26.74 3.39 -9.03
N GLU B 104 -26.62 4.13 -10.11
CA GLU B 104 -25.55 5.11 -10.28
C GLU B 104 -26.12 6.52 -10.25
N LEU B 105 -25.23 7.50 -10.07
CA LEU B 105 -25.63 8.88 -9.91
C LEU B 105 -25.66 9.58 -11.26
N LYS B 106 -26.67 10.44 -11.43
CA LYS B 106 -26.86 11.18 -12.66
C LYS B 106 -26.03 12.47 -12.67
N ARG B 107 -25.60 12.85 -13.87
CA ARG B 107 -24.85 14.09 -14.07
C ARG B 107 -24.94 14.45 -15.53
N ALA B 108 -24.45 15.65 -15.84
CA ALA B 108 -24.47 16.13 -17.22
C ALA B 108 -23.65 15.22 -18.10
N ASP B 109 -24.10 15.04 -19.35
CA ASP B 109 -23.35 14.25 -20.32
C ASP B 109 -21.96 14.83 -20.50
N ALA B 110 -20.97 13.95 -20.69
CA ALA B 110 -19.59 14.37 -20.84
C ALA B 110 -18.90 13.48 -21.87
N ALA B 111 -18.22 14.10 -22.82
CA ALA B 111 -17.52 13.36 -23.86
C ALA B 111 -16.20 12.83 -23.32
N PRO B 112 -15.77 11.66 -23.76
CA PRO B 112 -14.51 11.11 -23.26
C PRO B 112 -13.33 11.90 -23.81
N THR B 113 -12.31 12.03 -22.99
CA THR B 113 -11.01 12.53 -23.42
C THR B 113 -10.20 11.30 -23.85
N VAL B 114 -9.86 11.24 -25.13
CA VAL B 114 -9.25 10.05 -25.72
C VAL B 114 -7.78 10.34 -25.96
N SER B 115 -6.93 9.40 -25.53
CA SER B 115 -5.49 9.50 -25.73
C SER B 115 -4.94 8.12 -26.11
N ILE B 116 -4.18 8.06 -27.20
CA ILE B 116 -3.57 6.83 -27.69
C ILE B 116 -2.06 6.92 -27.47
N PHE B 117 -1.47 5.80 -27.08
CA PHE B 117 -0.05 5.74 -26.78
C PHE B 117 0.60 4.55 -27.49
N PRO B 118 1.66 4.76 -28.26
CA PRO B 118 2.36 3.63 -28.88
C PRO B 118 3.12 2.83 -27.85
N PRO B 119 3.50 1.58 -28.19
CA PRO B 119 4.35 0.81 -27.26
C PRO B 119 5.68 1.50 -27.01
N SER B 120 6.12 1.46 -25.76
CA SER B 120 7.38 2.05 -25.38
C SER B 120 8.53 1.27 -26.00
N SER B 121 9.65 1.97 -26.24
CA SER B 121 10.85 1.31 -26.72
C SER B 121 11.31 0.26 -25.73
N GLU B 122 11.07 0.49 -24.44
CA GLU B 122 11.44 -0.51 -23.45
C GLU B 122 10.71 -1.83 -23.68
N GLN B 123 9.40 -1.76 -23.91
CA GLN B 123 8.63 -2.98 -24.10
C GLN B 123 9.03 -3.70 -25.39
N LEU B 124 9.19 -2.94 -26.46
CA LEU B 124 9.65 -3.52 -27.71
C LEU B 124 10.99 -4.23 -27.53
N THR B 125 11.93 -3.58 -26.86
CA THR B 125 13.17 -4.26 -26.49
C THR B 125 12.91 -5.55 -25.75
N SER B 126 11.86 -5.61 -24.93
CA SER B 126 11.55 -6.82 -24.16
C SER B 126 10.91 -7.92 -25.02
N GLY B 127 10.30 -7.59 -26.15
CA GLY B 127 9.65 -8.55 -27.02
C GLY B 127 8.16 -8.30 -27.23
N GLY B 128 7.52 -7.50 -26.38
CA GLY B 128 6.11 -7.24 -26.49
C GLY B 128 5.81 -5.94 -27.20
N ALA B 129 4.51 -5.70 -27.40
CA ALA B 129 4.03 -4.47 -28.03
C ALA B 129 2.58 -4.26 -27.58
N SER B 130 2.37 -3.34 -26.64
CA SER B 130 1.04 -2.98 -26.18
C SER B 130 0.73 -1.57 -26.66
N VAL B 131 -0.42 -1.40 -27.30
CA VAL B 131 -0.95 -0.09 -27.70
C VAL B 131 -2.08 0.26 -26.75
N VAL B 132 -1.96 1.39 -26.07
CA VAL B 132 -2.85 1.75 -24.97
C VAL B 132 -3.66 2.96 -25.39
N CYS B 133 -4.95 2.94 -25.06
CA CYS B 133 -5.86 4.03 -25.36
C CYS B 133 -6.67 4.35 -24.12
N PHE B 134 -6.64 5.60 -23.69
CA PHE B 134 -7.38 6.05 -22.51
C PHE B 134 -8.61 6.82 -22.97
N LEU B 135 -9.76 6.51 -22.36
CA LEU B 135 -11.03 7.22 -22.56
C LEU B 135 -11.48 7.70 -21.19
N ASN B 136 -11.22 8.97 -20.87
CA ASN B 136 -11.33 9.44 -19.48
C ASN B 136 -12.48 10.42 -19.30
N ASN B 137 -13.13 10.34 -18.14
CA ASN B 137 -14.08 11.33 -17.64
C ASN B 137 -15.24 11.56 -18.62
N PHE B 138 -15.95 10.50 -18.92
CA PHE B 138 -17.14 10.56 -19.76
C PHE B 138 -18.37 10.13 -18.96
N TYR B 139 -19.55 10.50 -19.52
CA TYR B 139 -20.83 10.11 -18.96
C TYR B 139 -21.89 10.30 -20.01
N PRO B 140 -22.81 9.35 -20.21
CA PRO B 140 -23.02 8.12 -19.42
C PRO B 140 -22.00 7.02 -19.65
N LYS B 141 -22.18 5.91 -18.91
CA LYS B 141 -21.20 4.82 -18.88
C LYS B 141 -21.11 4.11 -20.21
N ASP B 142 -22.17 4.10 -21.01
CA ASP B 142 -22.17 3.36 -22.26
C ASP B 142 -21.17 3.99 -23.23
N ILE B 143 -20.18 3.21 -23.64
CA ILE B 143 -19.22 3.68 -24.63
C ILE B 143 -18.75 2.49 -25.45
N ASN B 144 -18.46 2.75 -26.71
CA ASN B 144 -17.98 1.72 -27.63
C ASN B 144 -16.60 2.13 -28.14
N VAL B 145 -15.71 1.14 -28.28
CA VAL B 145 -14.35 1.38 -28.73
C VAL B 145 -14.01 0.40 -29.85
N LYS B 146 -13.31 0.90 -30.86
CA LYS B 146 -12.88 0.08 -31.99
C LYS B 146 -11.41 0.34 -32.25
N TRP B 147 -10.63 -0.73 -32.37
CA TRP B 147 -9.22 -0.65 -32.75
C TRP B 147 -9.11 -0.96 -34.24
N LYS B 148 -8.35 -0.14 -34.96
CA LYS B 148 -8.11 -0.35 -36.38
C LYS B 148 -6.61 -0.38 -36.63
N ILE B 149 -6.17 -1.34 -37.44
CA ILE B 149 -4.78 -1.50 -37.85
C ILE B 149 -4.72 -1.34 -39.37
N ASP B 150 -4.02 -0.31 -39.81
CA ASP B 150 -3.94 0.03 -41.23
C ASP B 150 -5.34 0.11 -41.83
N GLY B 151 -6.16 0.97 -41.23
CA GLY B 151 -7.52 1.18 -41.67
C GLY B 151 -8.46 0.01 -41.48
N SER B 152 -7.96 -1.13 -41.03
CA SER B 152 -8.75 -2.34 -40.91
C SER B 152 -9.07 -2.62 -39.44
N GLU B 153 -10.32 -2.99 -39.17
CA GLU B 153 -10.74 -3.24 -37.81
C GLU B 153 -9.99 -4.43 -37.22
N ARG B 154 -9.87 -4.46 -35.90
CA ARG B 154 -9.20 -5.52 -35.19
C ARG B 154 -9.93 -5.76 -33.87
N GLN B 155 -10.11 -7.03 -33.52
CA GLN B 155 -10.82 -7.41 -32.31
C GLN B 155 -10.01 -8.26 -31.36
N ASN B 156 -9.16 -9.15 -31.89
CA ASN B 156 -8.38 -10.04 -31.04
C ASN B 156 -7.23 -9.30 -30.37
N GLY B 157 -6.94 -9.68 -29.14
CA GLY B 157 -5.89 -9.04 -28.39
C GLY B 157 -6.27 -7.77 -27.67
N VAL B 158 -7.56 -7.43 -27.63
CA VAL B 158 -8.04 -6.20 -26.99
C VAL B 158 -8.56 -6.55 -25.60
N LEU B 159 -8.05 -5.83 -24.60
CA LEU B 159 -8.49 -5.98 -23.23
C LEU B 159 -8.93 -4.62 -22.70
N ASN B 160 -10.14 -4.56 -22.15
CA ASN B 160 -10.73 -3.33 -21.66
C ASN B 160 -10.90 -3.37 -20.14
N SER B 161 -10.82 -2.20 -19.51
CA SER B 161 -10.92 -2.08 -18.08
C SER B 161 -11.64 -0.78 -17.76
N TRP B 162 -12.58 -0.84 -16.80
CA TRP B 162 -13.42 0.31 -16.47
C TRP B 162 -13.29 0.64 -14.98
N THR B 163 -13.20 1.93 -14.67
CA THR B 163 -13.24 2.37 -13.30
C THR B 163 -14.70 2.40 -12.81
N ASP B 164 -14.85 2.45 -11.50
CA ASP B 164 -16.15 2.73 -10.91
C ASP B 164 -16.44 4.22 -11.00
N GLN B 165 -17.72 4.56 -10.91
CA GLN B 165 -18.14 5.95 -10.98
C GLN B 165 -17.32 6.78 -10.02
N ASP B 166 -16.72 7.86 -10.53
CA ASP B 166 -15.92 8.73 -9.70
C ASP B 166 -16.78 9.33 -8.59
N SER B 167 -16.24 9.34 -7.37
CA SER B 167 -16.98 9.83 -6.22
C SER B 167 -17.02 11.35 -6.16
N LYS B 168 -16.18 12.03 -6.96
CA LYS B 168 -16.14 13.48 -6.97
C LYS B 168 -16.96 14.09 -8.10
N ASP B 169 -16.77 13.63 -9.33
CA ASP B 169 -17.48 14.18 -10.48
C ASP B 169 -18.40 13.20 -11.15
N SER B 170 -18.56 11.99 -10.61
CA SER B 170 -19.53 11.01 -11.08
C SER B 170 -19.31 10.55 -12.52
N THR B 171 -18.13 10.80 -13.09
CA THR B 171 -17.87 10.35 -14.45
C THR B 171 -17.25 8.95 -14.41
N TYR B 172 -17.14 8.33 -15.58
CA TYR B 172 -16.51 7.04 -15.76
C TYR B 172 -15.27 7.19 -16.63
N SER B 173 -14.35 6.24 -16.49
CA SER B 173 -13.12 6.22 -17.27
C SER B 173 -12.85 4.78 -17.69
N MET B 174 -12.21 4.63 -18.84
CA MET B 174 -11.96 3.32 -19.44
C MET B 174 -10.57 3.29 -20.07
N SER B 175 -9.94 2.11 -19.99
CA SER B 175 -8.68 1.86 -20.67
C SER B 175 -8.85 0.69 -21.62
N SER B 176 -8.28 0.82 -22.83
CA SER B 176 -8.30 -0.24 -23.83
C SER B 176 -6.88 -0.50 -24.29
N THR B 177 -6.47 -1.76 -24.29
CA THR B 177 -5.10 -2.14 -24.58
C THR B 177 -5.09 -3.17 -25.68
N LEU B 178 -4.44 -2.87 -26.79
CA LEU B 178 -4.25 -3.82 -27.88
C LEU B 178 -2.86 -4.42 -27.75
N THR B 179 -2.80 -5.72 -27.51
CA THR B 179 -1.55 -6.43 -27.28
C THR B 179 -1.21 -7.25 -28.51
N LEU B 180 -0.16 -6.83 -29.22
CA LEU B 180 0.40 -7.57 -30.33
C LEU B 180 1.82 -8.01 -29.99
N THR B 181 2.26 -9.09 -30.65
CA THR B 181 3.68 -9.42 -30.60
C THR B 181 4.47 -8.34 -31.35
N LYS B 182 5.76 -8.25 -31.03
CA LYS B 182 6.61 -7.29 -31.72
C LYS B 182 6.57 -7.49 -33.23
N ASP B 183 6.50 -8.75 -33.68
CA ASP B 183 6.49 -9.03 -35.12
C ASP B 183 5.25 -8.44 -35.78
N GLU B 184 4.08 -8.66 -35.20
CA GLU B 184 2.85 -8.13 -35.79
C GLU B 184 2.87 -6.61 -35.80
N TYR B 185 3.28 -6.00 -34.68
CA TYR B 185 3.25 -4.54 -34.59
C TYR B 185 4.14 -3.92 -35.68
N GLU B 186 5.34 -4.45 -35.86
CA GLU B 186 6.23 -3.92 -36.87
C GLU B 186 5.77 -4.20 -38.30
N ARG B 187 4.79 -5.08 -38.47
CA ARG B 187 4.29 -5.39 -39.81
C ARG B 187 3.34 -4.34 -40.35
N HIS B 188 2.77 -3.49 -39.49
CA HIS B 188 1.82 -2.46 -39.88
C HIS B 188 2.32 -1.11 -39.43
N ASN B 189 1.65 -0.05 -39.91
CA ASN B 189 2.13 1.31 -39.67
C ASN B 189 1.12 2.21 -38.97
N SER B 190 -0.15 2.11 -39.30
CA SER B 190 -1.18 2.97 -38.73
C SER B 190 -1.97 2.22 -37.66
N TYR B 191 -2.14 2.85 -36.50
CA TYR B 191 -2.89 2.30 -35.38
C TYR B 191 -3.86 3.36 -34.88
N THR B 192 -5.13 2.97 -34.73
CA THR B 192 -6.19 3.93 -34.45
C THR B 192 -7.07 3.44 -33.31
N CYS B 193 -7.44 4.35 -32.42
CA CYS B 193 -8.39 4.10 -31.34
C CYS B 193 -9.59 4.99 -31.61
N GLU B 194 -10.75 4.36 -31.80
CA GLU B 194 -11.99 5.07 -32.15
C GLU B 194 -13.02 4.85 -31.05
N ALA B 195 -13.56 5.95 -30.52
CA ALA B 195 -14.48 5.91 -29.39
C ALA B 195 -15.83 6.45 -29.86
N THR B 196 -16.87 5.65 -29.70
CA THR B 196 -18.23 6.04 -30.03
C THR B 196 -19.01 6.26 -28.75
N HIS B 197 -19.61 7.45 -28.61
CA HIS B 197 -20.28 7.84 -27.39
C HIS B 197 -21.49 8.68 -27.77
N LYS B 198 -22.54 8.61 -26.96
CA LYS B 198 -23.77 9.30 -27.27
C LYS B 198 -23.59 10.80 -27.41
N THR B 199 -22.54 11.37 -26.82
CA THR B 199 -22.28 12.79 -26.87
C THR B 199 -21.86 13.29 -28.25
N SER B 200 -21.95 12.46 -29.29
CA SER B 200 -21.57 12.90 -30.62
C SER B 200 -21.97 11.81 -31.62
N THR B 201 -22.44 12.24 -32.79
CA THR B 201 -22.70 11.28 -33.86
C THR B 201 -21.43 10.84 -34.56
N SER B 202 -20.37 11.62 -34.46
CA SER B 202 -19.08 11.26 -35.06
C SER B 202 -18.17 10.64 -34.01
N PRO B 203 -17.53 9.53 -34.29
CA PRO B 203 -16.60 8.96 -33.30
C PRO B 203 -15.38 9.85 -33.11
N ILE B 204 -14.82 9.79 -31.91
CA ILE B 204 -13.56 10.46 -31.60
C ILE B 204 -12.42 9.53 -32.00
N VAL B 205 -11.61 9.96 -32.96
CA VAL B 205 -10.56 9.12 -33.54
C VAL B 205 -9.23 9.68 -33.10
N LYS B 206 -8.39 8.82 -32.52
CA LYS B 206 -6.99 9.12 -32.22
C LYS B 206 -6.15 8.04 -32.86
N SER B 207 -5.01 8.42 -33.42
CA SER B 207 -4.15 7.45 -34.09
C SER B 207 -2.71 7.94 -34.10
N PHE B 208 -1.81 7.04 -34.49
CA PHE B 208 -0.41 7.36 -34.64
C PHE B 208 0.17 6.47 -35.74
N ASN B 209 1.32 6.88 -36.28
CA ASN B 209 2.08 6.12 -37.26
C ASN B 209 3.50 5.96 -36.75
N ARG B 210 3.99 4.73 -36.74
CA ARG B 210 5.34 4.49 -36.22
C ARG B 210 6.39 5.25 -37.02
N ASN B 211 6.86 6.38 -36.48
CA ASN B 211 7.95 7.16 -37.10
C ASN B 211 8.29 8.35 -36.21
N GLU C 1 14.10 7.85 35.24
CA GLU C 1 14.06 7.89 33.77
C GLU C 1 14.41 6.54 33.17
N VAL C 2 13.54 6.02 32.31
CA VAL C 2 13.83 4.77 31.64
C VAL C 2 14.66 5.05 30.41
N ARG C 3 15.69 4.25 30.17
CA ARG C 3 16.58 4.45 29.03
C ARG C 3 16.97 3.12 28.43
N LEU C 4 17.20 3.10 27.12
CA LEU C 4 17.74 1.94 26.41
C LEU C 4 19.04 2.35 25.76
N GLN C 5 20.11 1.62 26.07
CA GLN C 5 21.45 1.88 25.55
C GLN C 5 21.86 0.71 24.69
N GLN C 6 22.19 0.98 23.45
CA GLN C 6 22.61 -0.04 22.50
C GLN C 6 24.13 -0.03 22.35
N SER C 7 24.64 -1.13 21.80
CA SER C 7 26.08 -1.32 21.66
C SER C 7 26.60 -0.53 20.44
N GLY C 8 27.93 -0.45 20.33
CA GLY C 8 28.56 0.47 19.38
C GLY C 8 28.46 -0.03 17.98
N PRO C 9 28.95 0.81 17.05
CA PRO C 9 28.92 0.44 15.63
C PRO C 9 29.75 -0.79 15.33
N GLU C 10 29.34 -1.52 14.28
CA GLU C 10 29.94 -2.79 13.95
C GLU C 10 30.17 -2.88 12.44
N LEU C 11 31.32 -3.40 12.06
CA LEU C 11 31.66 -3.67 10.68
C LEU C 11 32.06 -5.13 10.60
N VAL C 12 31.43 -5.87 9.69
CA VAL C 12 31.53 -7.32 9.65
C VAL C 12 31.62 -7.79 8.21
N LYS C 13 32.26 -9.03 8.01
CA LYS C 13 32.39 -9.64 6.70
C LYS C 13 31.21 -10.54 6.40
N PRO C 14 30.87 -10.72 5.13
CA PRO C 14 29.74 -11.60 4.79
C PRO C 14 29.91 -12.98 5.41
N GLY C 15 28.77 -13.63 5.68
CA GLY C 15 28.74 -14.94 6.27
C GLY C 15 29.03 -14.99 7.75
N ALA C 16 29.51 -13.92 8.34
CA ALA C 16 29.78 -13.91 9.77
C ALA C 16 28.49 -13.72 10.59
N SER C 17 28.63 -13.91 11.89
CA SER C 17 27.54 -13.73 12.84
C SER C 17 27.89 -12.62 13.82
N LEU C 18 26.88 -11.89 14.27
CA LEU C 18 27.07 -10.74 15.14
C LEU C 18 26.01 -10.74 16.22
N LYS C 19 26.39 -10.30 17.41
CA LYS C 19 25.47 -10.15 18.54
C LYS C 19 25.56 -8.72 19.05
N ILE C 20 24.45 -8.00 19.01
CA ILE C 20 24.35 -6.64 19.48
C ILE C 20 23.40 -6.60 20.68
N SER C 21 23.63 -5.64 21.58
CA SER C 21 22.97 -5.62 22.86
C SER C 21 22.12 -4.37 23.04
N CYS C 22 21.25 -4.42 24.03
CA CYS C 22 20.38 -3.32 24.43
C CYS C 22 20.23 -3.39 25.95
N LYS C 23 20.77 -2.39 26.64
CA LYS C 23 20.76 -2.39 28.10
C LYS C 23 19.72 -1.41 28.60
N ALA C 24 18.79 -1.91 29.41
CA ALA C 24 17.69 -1.13 29.95
C ALA C 24 17.98 -0.72 31.37
N SER C 25 17.42 0.41 31.78
CA SER C 25 17.52 0.91 33.15
C SER C 25 16.31 1.78 33.45
N GLY C 26 16.04 1.94 34.71
CA GLY C 26 14.97 2.81 35.17
C GLY C 26 13.61 2.18 35.29
N TYR C 27 13.50 0.85 35.18
CA TYR C 27 12.21 0.18 35.32
C TYR C 27 12.46 -1.31 35.53
N THR C 28 11.38 -2.04 35.84
CA THR C 28 11.45 -3.48 36.08
C THR C 28 11.60 -4.19 34.75
N PHE C 29 12.82 -4.63 34.46
CA PHE C 29 13.18 -5.18 33.14
C PHE C 29 12.21 -6.26 32.69
N THR C 30 11.78 -7.13 33.60
CA THR C 30 10.95 -8.26 33.22
C THR C 30 9.49 -7.88 32.94
N ASP C 31 9.10 -6.63 33.15
CA ASP C 31 7.70 -6.26 33.00
C ASP C 31 7.32 -5.91 31.57
N TYR C 32 8.30 -5.63 30.69
CA TYR C 32 7.98 -5.11 29.36
C TYR C 32 8.72 -5.88 28.27
N ASN C 33 8.05 -6.08 27.14
CA ASN C 33 8.73 -6.61 25.98
C ASN C 33 9.87 -5.70 25.57
N ILE C 34 10.89 -6.28 24.93
CA ILE C 34 11.89 -5.53 24.18
C ILE C 34 11.63 -5.85 22.72
N HIS C 35 11.47 -4.80 21.92
CA HIS C 35 11.18 -4.92 20.49
C HIS C 35 12.43 -4.53 19.70
N TRP C 36 12.65 -5.24 18.58
CA TRP C 36 13.81 -5.00 17.74
C TRP C 36 13.32 -4.59 16.36
N LEU C 37 14.00 -3.63 15.76
CA LEU C 37 13.60 -3.09 14.46
C LEU C 37 14.84 -2.83 13.60
N ARG C 38 14.66 -2.97 12.29
CA ARG C 38 15.68 -2.69 11.30
C ARG C 38 15.27 -1.48 10.46
N GLN C 39 16.20 -0.56 10.27
CA GLN C 39 16.00 0.58 9.38
C GLN C 39 17.09 0.52 8.30
N SER C 40 16.71 0.05 7.10
CA SER C 40 17.68 -0.10 6.01
C SER C 40 18.02 1.23 5.35
N HIS C 41 17.19 2.24 5.54
CA HIS C 41 17.42 3.57 4.99
C HIS C 41 16.31 4.45 5.54
N SER C 42 16.42 5.75 5.28
CA SER C 42 15.49 6.71 5.91
C SER C 42 14.04 6.45 5.55
N LYS C 43 13.77 5.54 4.63
CA LYS C 43 12.41 5.35 4.13
C LYS C 43 11.86 3.97 4.45
N SER C 44 12.44 3.26 5.43
CA SER C 44 12.00 1.91 5.72
C SER C 44 12.16 1.61 7.22
N LEU C 45 11.12 1.02 7.79
CA LEU C 45 11.13 0.55 9.17
C LEU C 45 10.48 -0.82 9.19
N GLU C 46 11.14 -1.78 9.83
CA GLU C 46 10.62 -3.14 9.91
C GLU C 46 10.76 -3.67 11.33
N TRP C 47 9.72 -4.35 11.80
CA TRP C 47 9.76 -5.02 13.09
C TRP C 47 10.38 -6.41 12.93
N ILE C 48 11.42 -6.70 13.70
CA ILE C 48 12.10 -7.97 13.64
C ILE C 48 11.47 -8.98 14.58
N GLY C 49 11.15 -8.57 15.80
CA GLY C 49 10.59 -9.47 16.79
C GLY C 49 10.61 -8.83 18.17
N SER C 50 10.02 -9.53 19.10
CA SER C 50 9.91 -9.12 20.49
C SER C 50 10.29 -10.28 21.41
N ILE C 51 10.77 -9.94 22.62
CA ILE C 51 11.20 -10.92 23.59
C ILE C 51 10.71 -10.48 24.97
N TYR C 52 10.14 -11.41 25.73
CA TYR C 52 9.60 -11.20 27.07
C TYR C 52 10.68 -11.51 28.09
N PRO C 53 11.33 -10.51 28.66
CA PRO C 53 12.54 -10.79 29.47
C PRO C 53 12.27 -11.59 30.74
N TYR C 54 11.00 -11.71 31.17
CA TYR C 54 10.69 -12.52 32.35
C TYR C 54 11.23 -13.93 32.18
N ASN C 55 11.02 -14.53 31.01
CA ASN C 55 11.42 -15.90 30.74
C ASN C 55 12.09 -16.06 29.38
N GLY C 56 12.29 -14.98 28.62
CA GLY C 56 13.01 -15.04 27.37
C GLY C 56 12.24 -15.53 26.17
N ARG C 57 10.96 -15.77 26.27
CA ARG C 57 10.20 -16.22 25.15
C ARG C 57 10.17 -15.13 24.07
N PRO C 58 10.59 -15.44 22.81
CA PRO C 58 10.56 -14.42 21.78
C PRO C 58 9.43 -14.63 20.80
N GLY C 59 9.03 -13.55 20.11
CA GLY C 59 8.17 -13.67 18.95
C GLY C 59 8.83 -13.02 17.73
N TYR C 60 8.82 -13.72 16.61
CA TYR C 60 9.65 -13.37 15.48
C TYR C 60 8.80 -12.98 14.28
N ASN C 61 9.15 -11.89 13.63
CA ASN C 61 8.66 -11.63 12.29
C ASN C 61 9.15 -12.79 11.43
N GLN C 62 8.23 -13.44 10.71
CA GLN C 62 8.60 -14.61 9.93
C GLN C 62 9.71 -14.27 8.95
N LYS C 63 9.78 -13.00 8.51
CA LYS C 63 10.78 -12.63 7.51
C LYS C 63 12.19 -12.75 8.04
N PHE C 64 12.39 -12.56 9.35
CA PHE C 64 13.72 -12.53 9.94
C PHE C 64 14.01 -13.78 10.77
N LYS C 65 13.08 -14.73 10.85
CA LYS C 65 13.19 -15.83 11.81
C LYS C 65 14.44 -16.66 11.57
N ASN C 66 14.74 -16.96 10.31
CA ASN C 66 15.82 -17.91 10.04
C ASN C 66 17.20 -17.36 10.36
N LYS C 67 17.36 -16.05 10.46
CA LYS C 67 18.67 -15.46 10.67
C LYS C 67 18.77 -14.64 11.96
N THR C 68 17.76 -14.68 12.82
CA THR C 68 17.76 -13.87 14.03
C THR C 68 17.49 -14.72 15.26
N THR C 69 18.17 -14.41 16.35
CA THR C 69 17.90 -15.04 17.64
C THR C 69 17.91 -13.97 18.73
N LEU C 70 16.80 -13.85 19.43
CA LEU C 70 16.69 -12.92 20.55
C LEU C 70 16.89 -13.67 21.86
N THR C 71 17.72 -13.11 22.73
CA THR C 71 17.95 -13.67 24.06
C THR C 71 17.96 -12.53 25.06
N VAL C 72 18.03 -12.88 26.34
CA VAL C 72 17.95 -11.91 27.42
C VAL C 72 18.83 -12.36 28.58
N ASP C 73 19.32 -11.38 29.32
CA ASP C 73 20.06 -11.59 30.56
C ASP C 73 19.43 -10.65 31.60
N ASN C 74 18.47 -11.16 32.36
CA ASN C 74 17.81 -10.35 33.37
C ASN C 74 18.80 -9.84 34.42
N SER C 75 19.82 -10.62 34.72
CA SER C 75 20.76 -10.23 35.77
C SER C 75 21.51 -8.96 35.40
N SER C 76 21.62 -8.65 34.12
CA SER C 76 22.26 -7.42 33.68
C SER C 76 21.33 -6.49 32.89
N SER C 77 20.02 -6.78 32.89
CA SER C 77 19.03 -5.94 32.23
C SER C 77 19.38 -5.67 30.77
N THR C 78 19.83 -6.71 30.06
CA THR C 78 20.32 -6.57 28.70
C THR C 78 19.64 -7.58 27.77
N ALA C 79 19.12 -7.09 26.66
CA ALA C 79 18.60 -7.92 25.59
C ALA C 79 19.63 -8.02 24.46
N TYR C 80 19.63 -9.15 23.78
CA TYR C 80 20.60 -9.43 22.73
C TYR C 80 19.89 -9.87 21.47
N MET C 81 20.37 -9.39 20.32
CA MET C 81 19.95 -9.89 19.02
C MET C 81 21.19 -10.45 18.33
N GLU C 82 21.12 -11.70 17.93
CA GLU C 82 22.16 -12.34 17.16
C GLU C 82 21.69 -12.48 15.72
N LEU C 83 22.52 -12.02 14.80
CA LEU C 83 22.26 -12.17 13.37
C LEU C 83 23.34 -13.06 12.77
N ARG C 84 22.93 -14.00 11.94
CA ARG C 84 23.84 -14.97 11.31
C ARG C 84 23.68 -14.91 9.81
N GLY C 85 24.62 -15.55 9.11
CA GLY C 85 24.59 -15.55 7.65
C GLY C 85 24.55 -14.16 7.06
N LEU C 86 25.30 -13.23 7.64
CA LEU C 86 25.15 -11.82 7.28
C LEU C 86 25.59 -11.60 5.84
N THR C 87 24.83 -10.74 5.14
CA THR C 87 25.13 -10.36 3.77
C THR C 87 25.01 -8.84 3.66
N SER C 88 25.39 -8.32 2.50
CA SER C 88 25.34 -6.88 2.29
C SER C 88 23.90 -6.38 2.42
N ASP C 89 22.93 -7.23 2.14
CA ASP C 89 21.52 -6.87 2.29
C ASP C 89 21.12 -6.67 3.75
N ASP C 90 21.96 -7.08 4.69
CA ASP C 90 21.68 -6.88 6.11
C ASP C 90 22.29 -5.59 6.66
N SER C 91 23.06 -4.85 5.86
CA SER C 91 23.58 -3.57 6.32
C SER C 91 22.42 -2.62 6.63
N ALA C 92 22.44 -2.04 7.84
CA ALA C 92 21.39 -1.16 8.28
C ALA C 92 21.64 -0.67 9.71
N VAL C 93 20.73 0.17 10.21
CA VAL C 93 20.71 0.58 11.61
C VAL C 93 19.64 -0.27 12.31
N TYR C 94 19.99 -0.81 13.45
CA TYR C 94 19.11 -1.67 14.23
C TYR C 94 18.73 -0.99 15.54
N PHE C 95 17.43 -0.97 15.84
CA PHE C 95 16.90 -0.33 17.01
C PHE C 95 16.29 -1.34 18.01
N CYS C 96 16.51 -1.11 19.30
CA CYS C 96 15.70 -1.72 20.35
C CYS C 96 14.75 -0.66 20.88
N ALA C 97 13.63 -1.09 21.44
CA ALA C 97 12.63 -0.16 21.92
C ALA C 97 11.72 -0.86 22.95
N ARG C 98 11.00 -0.06 23.69
CA ARG C 98 10.09 -0.54 24.74
C ARG C 98 8.77 0.25 24.65
N SER C 99 7.67 -0.48 24.79
CA SER C 99 6.35 0.14 24.68
C SER C 99 6.15 1.19 25.78
N ARG C 100 5.16 2.07 25.57
CA ARG C 100 4.71 2.96 26.60
C ARG C 100 4.30 2.19 27.89
N SER C 101 4.40 2.88 29.01
CA SER C 101 4.08 2.28 30.29
C SER C 101 2.63 1.82 30.30
N TYR C 102 2.39 0.69 31.00
CA TYR C 102 1.06 0.15 31.07
C TYR C 102 0.08 1.14 31.71
N TYR C 103 -1.17 0.97 31.36
CA TYR C 103 -2.28 1.72 31.93
C TYR C 103 -2.35 3.16 31.46
N ASN C 104 -1.34 3.97 31.79
CA ASN C 104 -1.40 5.40 31.44
C ASN C 104 -0.10 5.93 30.83
N GLY C 105 0.65 5.07 30.17
CA GLY C 105 1.86 5.54 29.53
C GLY C 105 1.54 6.38 28.30
N SER C 106 2.29 7.47 28.14
CA SER C 106 2.14 8.34 26.98
C SER C 106 3.46 8.57 26.25
N ARG C 107 4.47 7.78 26.51
CA ARG C 107 5.76 7.91 25.89
C ARG C 107 6.43 6.53 25.84
N ASP C 108 6.90 6.14 24.65
CA ASP C 108 7.70 4.94 24.49
C ASP C 108 9.18 5.30 24.59
N TYR C 109 10.06 4.35 24.34
CA TYR C 109 11.50 4.54 24.53
C TYR C 109 12.28 3.72 23.49
N TRP C 110 13.28 4.36 22.92
CA TRP C 110 14.08 3.75 21.86
C TRP C 110 15.55 3.85 22.23
N GLY C 111 16.32 2.85 21.84
CA GLY C 111 17.75 2.99 21.87
C GLY C 111 18.22 3.98 20.83
N GLN C 112 19.51 4.28 20.86
CA GLN C 112 20.08 5.21 19.90
C GLN C 112 20.39 4.54 18.56
N GLY C 113 20.23 3.23 18.46
CA GLY C 113 20.53 2.50 17.24
C GLY C 113 21.98 2.08 17.17
N THR C 114 22.20 0.94 16.47
CA THR C 114 23.54 0.47 16.16
C THR C 114 23.67 0.30 14.65
N SER C 115 24.68 0.94 14.08
CA SER C 115 24.95 0.83 12.65
C SER C 115 25.70 -0.47 12.36
N LEU C 116 25.12 -1.31 11.50
CA LEU C 116 25.76 -2.52 11.02
C LEU C 116 26.16 -2.35 9.55
N THR C 117 27.41 -2.64 9.25
CA THR C 117 27.90 -2.64 7.88
C THR C 117 28.48 -4.02 7.58
N VAL C 118 27.96 -4.66 6.55
CA VAL C 118 28.44 -5.97 6.12
C VAL C 118 29.12 -5.78 4.77
N SER C 119 30.44 -5.96 4.75
CA SER C 119 31.19 -5.78 3.52
C SER C 119 32.52 -6.51 3.61
N SER C 120 32.97 -7.07 2.49
CA SER C 120 34.28 -7.72 2.43
C SER C 120 35.42 -6.75 2.20
N ALA C 121 35.14 -5.47 1.94
CA ALA C 121 36.21 -4.51 1.69
C ALA C 121 37.12 -4.39 2.91
N LYS C 122 38.32 -3.85 2.67
CA LYS C 122 39.32 -3.69 3.70
C LYS C 122 39.67 -2.23 3.86
N THR C 123 40.14 -1.88 5.06
CA THR C 123 40.44 -0.49 5.39
C THR C 123 41.32 0.12 4.33
N THR C 124 40.86 1.25 3.76
CA THR C 124 41.59 1.94 2.70
C THR C 124 41.50 3.44 2.99
N PRO C 125 42.61 4.17 2.97
CA PRO C 125 42.54 5.61 3.24
C PRO C 125 42.10 6.36 2.00
N PRO C 126 41.64 7.59 2.14
CA PRO C 126 41.15 8.36 1.00
C PRO C 126 42.25 9.08 0.21
N SER C 127 42.03 9.15 -1.09
CA SER C 127 42.77 10.04 -1.96
C SER C 127 42.06 11.39 -1.97
N VAL C 128 42.79 12.45 -1.64
CA VAL C 128 42.21 13.79 -1.50
C VAL C 128 42.73 14.66 -2.62
N TYR C 129 41.83 15.10 -3.50
CA TYR C 129 42.21 15.85 -4.68
C TYR C 129 41.60 17.24 -4.63
N PRO C 130 42.36 18.28 -4.98
CA PRO C 130 41.78 19.63 -5.01
C PRO C 130 40.93 19.85 -6.23
N LEU C 131 39.88 20.65 -6.07
CA LEU C 131 39.00 21.06 -7.16
C LEU C 131 39.14 22.58 -7.30
N ALA C 132 39.94 23.01 -8.30
CA ALA C 132 40.15 24.41 -8.58
C ALA C 132 39.43 24.80 -9.86
N PRO C 133 38.88 26.01 -9.94
CA PRO C 133 38.21 26.43 -11.19
C PRO C 133 39.14 26.30 -12.38
N GLY C 134 38.58 25.85 -13.51
CA GLY C 134 39.36 25.72 -14.73
C GLY C 134 39.18 26.90 -15.68
N MET C 142 31.54 35.79 -5.86
CA MET C 142 31.84 34.58 -5.10
C MET C 142 32.42 33.49 -6.00
N VAL C 143 33.42 32.76 -5.48
CA VAL C 143 34.02 31.63 -6.19
C VAL C 143 33.79 30.38 -5.37
N THR C 144 33.62 29.26 -6.05
CA THR C 144 33.37 27.97 -5.43
C THR C 144 34.56 27.04 -5.66
N LEU C 145 35.08 26.51 -4.57
CA LEU C 145 36.18 25.55 -4.59
C LEU C 145 35.70 24.22 -4.01
N GLY C 146 36.44 23.17 -4.28
CA GLY C 146 36.01 21.84 -3.89
C GLY C 146 37.16 20.97 -3.43
N CYS C 147 36.76 19.86 -2.77
CA CYS C 147 37.69 18.85 -2.26
C CYS C 147 37.10 17.51 -2.63
N LEU C 148 37.86 16.68 -3.36
CA LEU C 148 37.42 15.37 -3.78
C LEU C 148 38.08 14.31 -2.92
N VAL C 149 37.25 13.42 -2.33
CA VAL C 149 37.69 12.40 -1.38
C VAL C 149 37.25 11.05 -1.96
N LYS C 150 38.19 10.30 -2.52
CA LYS C 150 37.88 9.18 -3.38
C LYS C 150 38.52 7.91 -2.89
N GLY C 151 37.77 6.82 -2.96
CA GLY C 151 38.31 5.49 -2.73
C GLY C 151 38.70 5.16 -1.30
N TYR C 152 37.81 5.43 -0.36
CA TYR C 152 38.06 5.12 1.05
C TYR C 152 37.03 4.11 1.54
N PHE C 153 37.43 3.39 2.61
CA PHE C 153 36.55 2.43 3.29
C PHE C 153 37.11 2.20 4.68
N PRO C 154 36.27 2.12 5.71
CA PRO C 154 34.81 2.34 5.71
C PRO C 154 34.45 3.79 6.03
N GLU C 155 33.16 4.13 6.08
CA GLU C 155 32.76 5.42 6.58
C GLU C 155 33.10 5.52 8.05
N PRO C 156 33.21 6.74 8.60
CA PRO C 156 33.06 8.04 7.93
C PRO C 156 34.36 8.80 7.73
N VAL C 157 34.29 9.93 7.03
CA VAL C 157 35.38 10.89 6.97
C VAL C 157 34.82 12.22 7.43
N THR C 158 35.67 13.02 8.08
CA THR C 158 35.30 14.36 8.53
C THR C 158 36.04 15.35 7.64
N VAL C 159 35.29 16.11 6.84
CA VAL C 159 35.84 17.09 5.93
C VAL C 159 35.55 18.47 6.50
N THR C 160 36.60 19.27 6.66
CA THR C 160 36.49 20.64 7.12
C THR C 160 37.41 21.52 6.30
N TRP C 161 37.14 22.81 6.31
CA TRP C 161 37.87 23.79 5.52
C TRP C 161 38.57 24.78 6.43
N ASN C 162 39.87 24.93 6.24
CA ASN C 162 40.69 25.85 7.03
C ASN C 162 40.55 25.56 8.53
N SER C 163 40.61 24.29 8.88
CA SER C 163 40.46 23.82 10.25
C SER C 163 39.12 24.22 10.87
N GLY C 164 38.12 24.52 10.05
CA GLY C 164 36.78 24.81 10.51
C GLY C 164 36.36 26.25 10.42
N SER C 165 37.31 27.18 10.22
CA SER C 165 36.96 28.59 10.18
C SER C 165 35.88 28.85 9.14
N LEU C 166 36.03 28.28 7.95
CA LEU C 166 35.01 28.40 6.90
C LEU C 166 33.96 27.32 7.13
N SER C 167 32.91 27.68 7.87
CA SER C 167 31.83 26.76 8.18
C SER C 167 30.60 27.02 7.32
N SER C 168 30.24 28.27 7.12
CA SER C 168 29.11 28.61 6.28
C SER C 168 29.57 28.64 4.81
N GLY C 169 28.62 28.36 3.91
CA GLY C 169 28.95 28.22 2.51
C GLY C 169 29.59 26.91 2.15
N VAL C 170 29.47 25.90 3.01
CA VAL C 170 30.09 24.61 2.81
C VAL C 170 29.01 23.58 2.54
N HIS C 171 29.26 22.71 1.57
CA HIS C 171 28.38 21.58 1.28
C HIS C 171 29.25 20.34 1.21
N THR C 172 29.06 19.42 2.15
CA THR C 172 29.76 18.13 2.17
C THR C 172 28.73 17.07 1.80
N PHE C 173 28.85 16.50 0.65
CA PHE C 173 27.83 15.64 0.09
C PHE C 173 27.91 14.22 0.62
N PRO C 174 26.78 13.51 0.66
CA PRO C 174 26.82 12.12 1.16
C PRO C 174 27.66 11.24 0.25
N ALA C 175 28.43 10.37 0.88
CA ALA C 175 29.29 9.47 0.12
C ALA C 175 28.47 8.49 -0.70
N VAL C 176 29.07 8.01 -1.77
CA VAL C 176 28.48 7.01 -2.65
C VAL C 176 29.45 5.83 -2.75
N LEU C 177 28.89 4.62 -2.81
CA LEU C 177 29.70 3.40 -2.90
C LEU C 177 30.11 3.21 -4.35
N GLN C 178 31.39 3.44 -4.65
CA GLN C 178 31.94 3.36 -6.00
C GLN C 178 33.00 2.27 -6.03
N SER C 179 32.67 1.15 -6.67
CA SER C 179 33.58 0.01 -6.79
C SER C 179 34.04 -0.49 -5.43
N ASP C 180 33.05 -0.83 -4.60
CA ASP C 180 33.26 -1.33 -3.25
C ASP C 180 33.99 -0.35 -2.34
N LEU C 181 34.17 0.90 -2.77
CA LEU C 181 34.80 1.93 -1.98
C LEU C 181 33.95 3.19 -2.01
N TYR C 182 34.13 4.05 -1.00
CA TYR C 182 33.33 5.23 -0.85
C TYR C 182 34.00 6.44 -1.50
N THR C 183 33.17 7.33 -2.01
CA THR C 183 33.63 8.60 -2.59
C THR C 183 32.64 9.71 -2.22
N LEU C 184 33.17 10.83 -1.72
CA LEU C 184 32.36 12.02 -1.50
C LEU C 184 33.13 13.25 -1.97
N SER C 185 32.42 14.36 -2.06
CA SER C 185 32.99 15.64 -2.43
C SER C 185 32.48 16.71 -1.48
N SER C 186 33.26 17.78 -1.34
CA SER C 186 32.89 18.92 -0.50
C SER C 186 33.16 20.19 -1.26
N SER C 187 32.16 21.05 -1.35
CA SER C 187 32.30 22.34 -2.00
C SER C 187 32.32 23.44 -0.95
N VAL C 188 33.00 24.54 -1.27
CA VAL C 188 33.10 25.70 -0.39
C VAL C 188 33.06 26.94 -1.25
N THR C 189 32.29 27.95 -0.80
CA THR C 189 32.12 29.20 -1.52
C THR C 189 32.61 30.35 -0.67
N VAL C 190 33.33 31.27 -1.30
CA VAL C 190 33.86 32.46 -0.64
C VAL C 190 33.90 33.61 -1.63
N PRO C 191 33.99 34.86 -1.18
CA PRO C 191 34.13 35.98 -2.13
C PRO C 191 35.39 35.86 -2.98
N SER C 192 35.27 36.24 -4.24
CA SER C 192 36.42 36.20 -5.15
C SER C 192 37.57 37.05 -4.63
N SER C 193 37.28 38.10 -3.87
CA SER C 193 38.33 38.93 -3.30
C SER C 193 39.13 38.23 -2.21
N THR C 194 38.66 37.10 -1.71
CA THR C 194 39.34 36.35 -0.66
C THR C 194 40.08 35.13 -1.20
N TRP C 195 40.20 34.99 -2.53
CA TRP C 195 40.89 33.85 -3.12
C TRP C 195 41.17 34.19 -4.58
N PRO C 196 42.34 33.84 -5.11
CA PRO C 196 43.45 33.16 -4.45
C PRO C 196 44.31 34.05 -3.55
N SER C 197 43.90 35.30 -3.31
CA SER C 197 44.72 36.19 -2.48
C SER C 197 44.94 35.62 -1.08
N GLU C 198 43.99 34.81 -0.59
CA GLU C 198 44.08 34.18 0.71
C GLU C 198 43.84 32.68 0.57
N THR C 199 44.50 31.90 1.41
CA THR C 199 44.55 30.46 1.21
C THR C 199 43.26 29.77 1.66
N VAL C 200 42.90 28.73 0.94
CA VAL C 200 41.80 27.85 1.30
C VAL C 200 42.33 26.41 1.29
N THR C 201 41.93 25.64 2.28
CA THR C 201 42.44 24.29 2.47
C THR C 201 41.34 23.41 3.06
N CYS C 202 41.18 22.22 2.50
CA CYS C 202 40.24 21.23 3.05
C CYS C 202 41.03 20.24 3.89
N ASN C 203 40.56 20.01 5.11
CA ASN C 203 41.17 19.04 6.02
C ASN C 203 40.23 17.84 6.13
N VAL C 204 40.77 16.66 5.86
CA VAL C 204 39.98 15.43 5.85
C VAL C 204 40.61 14.42 6.80
N ALA C 205 39.76 13.68 7.50
CA ALA C 205 40.21 12.63 8.43
C ALA C 205 39.53 11.32 8.08
N HIS C 206 40.22 10.22 8.34
CA HIS C 206 39.66 8.87 8.20
C HIS C 206 40.16 8.04 9.37
N PRO C 207 39.45 8.08 10.50
CA PRO C 207 39.98 7.43 11.71
C PRO C 207 40.24 5.95 11.52
N ALA C 208 39.50 5.27 10.63
CA ALA C 208 39.70 3.85 10.44
C ALA C 208 41.11 3.55 9.96
N SER C 209 41.77 4.52 9.32
CA SER C 209 43.15 4.36 8.88
C SER C 209 44.06 5.37 9.54
N SER C 210 43.55 6.14 10.50
CA SER C 210 44.35 7.14 11.20
C SER C 210 45.00 8.10 10.20
N THR C 211 44.24 8.43 9.17
CA THR C 211 44.71 9.29 8.09
C THR C 211 44.20 10.71 8.30
N LYS C 212 45.11 11.68 8.19
CA LYS C 212 44.77 13.10 8.27
C LYS C 212 45.64 13.83 7.28
N VAL C 213 45.03 14.48 6.29
CA VAL C 213 45.76 15.15 5.23
C VAL C 213 45.08 16.49 4.93
N ASP C 214 45.90 17.50 4.65
CA ASP C 214 45.44 18.80 4.21
C ASP C 214 45.77 18.96 2.74
N LYS C 215 44.87 19.62 2.00
CA LYS C 215 45.06 19.85 0.57
C LYS C 215 44.77 21.32 0.30
N LYS C 216 45.82 22.08 -0.01
CA LYS C 216 45.66 23.48 -0.38
C LYS C 216 45.09 23.57 -1.78
N ILE C 217 44.10 24.44 -1.96
CA ILE C 217 43.52 24.70 -3.27
C ILE C 217 44.35 25.79 -3.96
N VAL C 218 44.98 25.45 -5.08
CA VAL C 218 45.78 26.41 -5.82
C VAL C 218 45.30 26.49 -7.26
N PRO C 219 45.29 27.68 -7.90
CA PRO C 219 44.92 27.78 -9.32
C PRO C 219 45.84 26.98 -10.21
N GLN D 1 -0.06 -10.43 6.14
CA GLN D 1 0.79 -9.25 6.43
C GLN D 1 0.04 -7.97 6.04
N ILE D 2 -0.42 -7.20 7.05
CA ILE D 2 -1.08 -5.93 6.75
C ILE D 2 -0.09 -4.99 6.08
N VAL D 3 -0.47 -4.47 4.92
CA VAL D 3 0.37 -3.55 4.16
C VAL D 3 -0.16 -2.15 4.37
N LEU D 4 0.71 -1.22 4.72
CA LEU D 4 0.35 0.15 4.99
C LEU D 4 0.91 1.01 3.85
N THR D 5 0.05 1.82 3.24
CA THR D 5 0.41 2.66 2.13
C THR D 5 0.19 4.11 2.55
N GLN D 6 1.26 4.85 2.67
CA GLN D 6 1.23 6.23 3.10
C GLN D 6 1.25 7.16 1.88
N SER D 7 0.40 8.19 1.91
CA SER D 7 0.27 9.14 0.82
C SER D 7 0.06 10.52 1.42
N PRO D 8 0.72 11.55 0.85
CA PRO D 8 1.69 11.51 -0.24
C PRO D 8 3.06 11.10 0.27
N ALA D 9 3.81 10.31 -0.50
CA ALA D 9 5.13 9.89 -0.05
C ALA D 9 6.08 11.06 0.10
N ILE D 10 5.82 12.16 -0.61
CA ILE D 10 6.58 13.40 -0.50
C ILE D 10 5.59 14.54 -0.55
N MET D 11 5.80 15.55 0.29
CA MET D 11 4.98 16.75 0.24
C MET D 11 5.77 17.91 0.82
N SER D 12 5.37 19.12 0.43
CA SER D 12 6.00 20.34 0.88
C SER D 12 4.96 21.26 1.47
N ALA D 13 5.35 21.99 2.51
CA ALA D 13 4.43 22.88 3.18
C ALA D 13 5.21 24.05 3.74
N SER D 14 4.56 25.22 3.74
CA SER D 14 5.11 26.41 4.36
C SER D 14 4.56 26.57 5.77
N PRO D 15 5.28 27.25 6.66
CA PRO D 15 4.73 27.51 8.00
C PRO D 15 3.40 28.23 7.89
N GLY D 16 2.42 27.76 8.68
CA GLY D 16 1.09 28.29 8.68
C GLY D 16 0.06 27.47 7.94
N GLU D 17 0.49 26.62 7.01
CA GLU D 17 -0.44 25.78 6.28
C GLU D 17 -0.85 24.59 7.14
N LYS D 18 -2.06 24.08 6.89
CA LYS D 18 -2.50 22.82 7.47
C LYS D 18 -1.98 21.68 6.62
N VAL D 19 -1.51 20.61 7.27
CA VAL D 19 -0.91 19.47 6.60
C VAL D 19 -1.66 18.22 7.02
N THR D 20 -2.08 17.43 6.03
CA THR D 20 -2.75 16.17 6.28
C THR D 20 -1.99 15.05 5.60
N MET D 21 -1.64 14.01 6.37
CA MET D 21 -0.91 12.84 5.88
C MET D 21 -1.78 11.62 6.11
N THR D 22 -1.88 10.77 5.10
CA THR D 22 -2.80 9.64 5.10
C THR D 22 -2.03 8.32 5.09
N CYS D 23 -2.61 7.31 5.72
CA CYS D 23 -2.01 5.98 5.85
C CYS D 23 -3.11 4.97 5.61
N SER D 24 -3.04 4.24 4.50
CA SER D 24 -4.09 3.30 4.11
C SER D 24 -3.64 1.88 4.39
N ALA D 25 -4.52 1.08 5.01
CA ALA D 25 -4.20 -0.30 5.35
C ALA D 25 -4.86 -1.30 4.41
N SER D 26 -4.18 -2.39 4.11
CA SER D 26 -4.77 -3.42 3.28
C SER D 26 -5.86 -4.22 3.97
N SER D 27 -5.94 -4.15 5.31
CA SER D 27 -7.03 -4.77 6.05
C SER D 27 -7.24 -3.99 7.35
N SER D 28 -8.37 -4.26 7.99
CA SER D 28 -8.80 -3.47 9.14
C SER D 28 -7.73 -3.44 10.23
N VAL D 29 -7.47 -2.24 10.75
CA VAL D 29 -6.49 -2.02 11.81
C VAL D 29 -7.21 -1.39 12.99
N ASN D 30 -6.93 -1.91 14.19
CA ASN D 30 -7.56 -1.44 15.40
C ASN D 30 -6.79 -0.30 16.07
N TYR D 31 -5.46 -0.41 16.11
CA TYR D 31 -4.62 0.60 16.76
C TYR D 31 -3.50 1.03 15.83
N MET D 32 -3.45 2.33 15.52
CA MET D 32 -2.46 2.90 14.62
C MET D 32 -1.48 3.77 15.42
N TYR D 33 -0.20 3.61 15.14
CA TYR D 33 0.85 4.42 15.73
C TYR D 33 1.45 5.37 14.68
N TRP D 34 1.92 6.52 15.15
CA TRP D 34 2.61 7.46 14.28
C TRP D 34 3.92 7.87 14.94
N TYR D 35 4.98 8.00 14.12
CA TYR D 35 6.30 8.40 14.58
C TYR D 35 6.85 9.50 13.66
N GLN D 36 7.62 10.41 14.26
CA GLN D 36 8.39 11.40 13.54
C GLN D 36 9.87 11.02 13.59
N GLN D 37 10.60 11.29 12.52
CA GLN D 37 12.03 11.01 12.50
C GLN D 37 12.73 12.06 11.67
N LYS D 38 13.79 12.61 12.23
CA LYS D 38 14.71 13.51 11.53
C LYS D 38 16.05 12.83 11.38
N PRO D 39 16.83 13.22 10.36
CA PRO D 39 18.12 12.57 10.12
C PRO D 39 19.00 12.63 11.36
N GLY D 40 19.60 11.48 11.70
CA GLY D 40 20.49 11.38 12.83
C GLY D 40 19.84 11.02 14.15
N SER D 41 18.51 10.91 14.19
CA SER D 41 17.81 10.66 15.43
C SER D 41 16.90 9.45 15.29
N SER D 42 16.50 8.91 16.44
CA SER D 42 15.62 7.75 16.44
C SER D 42 14.15 8.16 16.27
N PRO D 43 13.30 7.25 15.85
CA PRO D 43 11.88 7.58 15.70
C PRO D 43 11.27 8.14 16.99
N ARG D 44 10.43 9.15 16.83
CA ARG D 44 9.82 9.88 17.93
C ARG D 44 8.30 9.66 17.85
N LEU D 45 7.75 9.06 18.89
CA LEU D 45 6.32 8.79 18.93
C LEU D 45 5.51 10.07 19.02
N LEU D 46 4.49 10.18 18.18
CA LEU D 46 3.51 11.25 18.26
C LEU D 46 2.14 10.78 18.71
N ILE D 47 1.71 9.60 18.25
CA ILE D 47 0.35 9.12 18.40
C ILE D 47 0.43 7.64 18.73
N TYR D 48 -0.28 7.24 19.79
CA TYR D 48 -0.41 5.83 20.14
C TYR D 48 -1.90 5.48 20.15
N ASP D 49 -2.21 4.25 19.77
CA ASP D 49 -3.58 3.76 19.73
C ASP D 49 -4.48 4.73 18.96
N THR D 50 -3.98 5.16 17.79
CA THR D 50 -4.76 5.82 16.76
C THR D 50 -4.98 7.30 16.99
N SER D 51 -5.46 7.68 18.19
CA SER D 51 -5.91 9.06 18.39
C SER D 51 -5.42 9.65 19.71
N ASN D 52 -4.43 9.05 20.34
CA ASN D 52 -3.92 9.56 21.60
C ASN D 52 -2.58 10.26 21.38
N LEU D 53 -2.49 11.51 21.85
CA LEU D 53 -1.31 12.33 21.61
C LEU D 53 -0.23 11.98 22.61
N ALA D 54 0.93 11.56 22.11
CA ALA D 54 2.05 11.25 22.98
C ALA D 54 2.50 12.49 23.73
N SER D 55 3.18 12.25 24.85
CA SER D 55 3.79 13.31 25.64
C SER D 55 5.27 13.40 25.27
N GLY D 56 5.76 14.60 25.03
CA GLY D 56 5.08 15.88 25.01
C GLY D 56 5.23 16.50 23.62
N VAL D 57 4.35 16.10 22.71
CA VAL D 57 4.32 16.61 21.35
C VAL D 57 3.30 17.74 21.29
N PRO D 58 3.50 18.76 20.45
CA PRO D 58 2.63 19.94 20.52
C PRO D 58 1.21 19.66 20.05
N VAL D 59 0.29 20.47 20.59
CA VAL D 59 -1.12 20.26 20.34
C VAL D 59 -1.55 20.53 18.89
N ARG D 60 -0.66 21.03 18.05
CA ARG D 60 -1.01 21.13 16.63
C ARG D 60 -1.11 19.78 15.94
N PHE D 61 -0.56 18.72 16.55
CA PHE D 61 -0.65 17.38 15.99
C PHE D 61 -1.95 16.69 16.40
N SER D 62 -2.46 15.84 15.51
CA SER D 62 -3.63 15.03 15.81
C SER D 62 -3.61 13.78 14.96
N GLY D 63 -4.03 12.67 15.56
CA GLY D 63 -4.13 11.39 14.86
C GLY D 63 -5.58 10.94 14.83
N SER D 64 -5.98 10.32 13.73
CA SER D 64 -7.36 9.88 13.56
C SER D 64 -7.40 8.71 12.59
N GLY D 65 -8.59 8.12 12.45
CA GLY D 65 -8.77 7.02 11.52
C GLY D 65 -9.61 5.88 12.04
N SER D 66 -9.94 4.94 11.17
CA SER D 66 -10.67 3.74 11.57
C SER D 66 -10.66 2.77 10.41
N GLY D 67 -10.77 1.48 10.73
CA GLY D 67 -10.83 0.44 9.74
C GLY D 67 -9.61 0.37 8.86
N THR D 68 -9.71 1.02 7.67
CA THR D 68 -8.69 0.93 6.62
C THR D 68 -8.02 2.26 6.33
N SER D 69 -8.57 3.38 6.81
CA SER D 69 -8.02 4.69 6.51
C SER D 69 -7.68 5.38 7.81
N PHE D 70 -6.47 5.95 7.86
CA PHE D 70 -5.97 6.70 9.00
C PHE D 70 -5.24 7.96 8.51
N SER D 71 -5.11 8.92 9.43
CA SER D 71 -4.50 10.19 9.04
C SER D 71 -3.75 10.80 10.21
N LEU D 72 -2.73 11.58 9.88
CA LEU D 72 -2.00 12.42 10.82
C LEU D 72 -2.11 13.83 10.31
N THR D 73 -2.46 14.77 11.20
CA THR D 73 -2.72 16.15 10.82
C THR D 73 -1.85 17.08 11.63
N ILE D 74 -1.33 18.12 10.98
CA ILE D 74 -0.71 19.25 11.65
C ILE D 74 -1.57 20.46 11.37
N SER D 75 -2.25 20.97 12.40
CA SER D 75 -3.24 22.01 12.21
C SER D 75 -2.59 23.24 11.59
N ARG D 76 -1.35 23.54 11.97
CA ARG D 76 -0.64 24.70 11.48
C ARG D 76 0.83 24.31 11.46
N MET D 77 1.40 24.24 10.26
CA MET D 77 2.78 23.80 10.07
C MET D 77 3.75 24.83 10.65
N GLU D 78 4.78 24.33 11.31
CA GLU D 78 5.95 25.11 11.70
C GLU D 78 7.22 24.48 11.09
N ALA D 79 8.28 25.29 10.99
CA ALA D 79 9.48 24.86 10.31
C ALA D 79 10.06 23.61 10.92
N GLU D 80 10.02 23.50 12.25
CA GLU D 80 10.61 22.35 12.93
C GLU D 80 9.82 21.04 12.75
N ASP D 81 8.70 21.05 12.02
CA ASP D 81 7.99 19.83 11.69
C ASP D 81 8.46 19.17 10.42
N ALA D 82 9.39 19.82 9.69
CA ALA D 82 9.98 19.17 8.52
C ALA D 82 10.67 17.87 8.96
N ALA D 83 10.24 16.74 8.39
CA ALA D 83 10.74 15.45 8.81
C ALA D 83 10.06 14.34 8.02
N THR D 84 10.38 13.10 8.37
CA THR D 84 9.70 11.93 7.84
C THR D 84 8.75 11.38 8.91
N TYR D 85 7.53 11.08 8.51
CA TYR D 85 6.51 10.54 9.41
C TYR D 85 6.16 9.14 8.97
N PHE D 86 6.18 8.20 9.90
CA PHE D 86 5.77 6.83 9.65
C PHE D 86 4.47 6.52 10.42
N CYS D 87 3.58 5.74 9.79
CA CYS D 87 2.51 5.09 10.48
C CYS D 87 2.88 3.64 10.76
N GLN D 88 2.28 3.07 11.79
CA GLN D 88 2.60 1.69 12.20
C GLN D 88 1.37 1.11 12.88
N GLN D 89 0.89 -0.03 12.38
CA GLN D 89 -0.26 -0.72 12.94
C GLN D 89 0.21 -1.65 14.06
N TRP D 90 -0.54 -1.67 15.14
CA TRP D 90 -0.30 -2.56 16.27
C TRP D 90 -1.60 -3.29 16.62
N SER D 91 -2.17 -3.93 15.62
CA SER D 91 -3.38 -4.71 15.81
C SER D 91 -3.21 -6.18 15.49
N SER D 92 -2.29 -6.53 14.60
CA SER D 92 -2.01 -7.90 14.21
C SER D 92 -0.52 -8.07 13.95
N TYR D 93 -0.04 -9.29 14.15
CA TYR D 93 1.37 -9.53 13.90
C TYR D 93 1.56 -10.26 12.57
N PRO D 94 2.67 -10.01 11.88
CA PRO D 94 3.80 -9.17 12.27
C PRO D 94 3.47 -7.69 12.25
N LEU D 95 4.09 -6.92 13.15
CA LEU D 95 3.91 -5.47 13.12
C LEU D 95 4.52 -4.92 11.84
N THR D 96 3.79 -4.02 11.16
CA THR D 96 4.24 -3.46 9.90
C THR D 96 4.21 -1.94 9.95
N PHE D 97 5.05 -1.33 9.13
CA PHE D 97 5.16 0.10 8.99
C PHE D 97 4.83 0.51 7.56
N GLY D 98 4.34 1.72 7.40
CA GLY D 98 4.29 2.35 6.10
C GLY D 98 5.67 2.84 5.69
N ALA D 99 5.81 3.18 4.41
CA ALA D 99 7.08 3.64 3.87
C ALA D 99 7.38 5.09 4.20
N GLY D 100 6.48 5.78 4.88
CA GLY D 100 6.73 7.12 5.37
C GLY D 100 6.28 8.22 4.42
N THR D 101 6.03 9.40 5.02
CA THR D 101 5.78 10.64 4.30
C THR D 101 6.89 11.63 4.61
N ASN D 102 7.64 12.05 3.58
CA ASN D 102 8.71 13.03 3.73
C ASN D 102 8.12 14.42 3.58
N LEU D 103 8.10 15.18 4.66
CA LEU D 103 7.48 16.50 4.68
C LEU D 103 8.58 17.54 4.67
N GLU D 104 8.73 18.24 3.56
CA GLU D 104 9.81 19.20 3.38
C GLU D 104 9.27 20.64 3.47
N LEU D 105 10.17 21.58 3.68
CA LEU D 105 9.81 22.97 3.84
C LEU D 105 9.73 23.65 2.49
N LYS D 106 8.59 24.31 2.24
CA LYS D 106 8.42 25.08 1.02
C LYS D 106 9.07 26.46 1.17
N ARG D 107 9.62 26.95 0.06
CA ARG D 107 10.27 28.26 0.03
C ARG D 107 10.21 28.78 -1.39
N ALA D 108 10.74 29.99 -1.59
CA ALA D 108 10.79 30.58 -2.93
C ALA D 108 11.72 29.77 -3.83
N ASP D 109 11.38 29.72 -5.11
CA ASP D 109 12.26 29.09 -6.10
C ASP D 109 13.62 29.78 -6.14
N ALA D 110 14.67 28.97 -6.25
CA ALA D 110 16.04 29.48 -6.33
C ALA D 110 16.78 28.71 -7.42
N ALA D 111 17.59 29.42 -8.18
CA ALA D 111 18.32 28.79 -9.30
C ALA D 111 19.66 28.22 -8.80
N PRO D 112 20.05 27.06 -9.29
CA PRO D 112 21.32 26.49 -8.83
C PRO D 112 22.50 27.34 -9.26
N THR D 113 23.52 27.38 -8.41
CA THR D 113 24.84 27.92 -8.79
C THR D 113 25.70 26.75 -9.25
N VAL D 114 26.01 26.72 -10.54
CA VAL D 114 26.67 25.58 -11.18
C VAL D 114 28.17 25.86 -11.31
N SER D 115 28.98 24.90 -10.91
CA SER D 115 30.43 25.03 -11.01
C SER D 115 31.01 23.71 -11.48
N ILE D 116 31.87 23.76 -12.50
CA ILE D 116 32.51 22.59 -13.07
C ILE D 116 34.01 22.64 -12.75
N PHE D 117 34.59 21.47 -12.49
CA PHE D 117 35.96 21.36 -12.06
C PHE D 117 36.67 20.27 -12.84
N PRO D 118 37.81 20.55 -13.47
CA PRO D 118 38.54 19.51 -14.18
C PRO D 118 39.29 18.61 -13.22
N PRO D 119 39.77 17.46 -13.70
CA PRO D 119 40.50 16.55 -12.79
C PRO D 119 41.78 17.19 -12.31
N SER D 120 42.12 16.94 -11.05
CA SER D 120 43.36 17.47 -10.49
C SER D 120 44.60 16.84 -11.15
N SER D 121 45.67 17.62 -11.23
CA SER D 121 46.93 17.06 -11.70
C SER D 121 47.40 15.94 -10.77
N GLU D 122 47.04 16.03 -9.48
CA GLU D 122 47.37 14.94 -8.56
C GLU D 122 46.66 13.64 -8.93
N GLN D 123 45.40 13.73 -9.34
CA GLN D 123 44.66 12.53 -9.72
C GLN D 123 45.14 12.01 -11.06
N LEU D 124 45.47 12.91 -11.99
CA LEU D 124 45.98 12.48 -13.29
C LEU D 124 47.32 11.77 -13.15
N THR D 125 48.12 12.12 -12.15
CA THR D 125 49.38 11.41 -11.92
C THR D 125 49.13 9.97 -11.51
N SER D 126 48.00 9.68 -10.86
CA SER D 126 47.66 8.35 -10.41
C SER D 126 46.97 7.52 -11.47
N GLY D 127 46.67 8.09 -12.64
CA GLY D 127 46.01 7.38 -13.71
C GLY D 127 44.51 7.61 -13.83
N GLY D 128 43.95 8.50 -13.01
CA GLY D 128 42.51 8.71 -13.02
C GLY D 128 42.12 10.14 -13.32
N ALA D 129 40.86 10.33 -13.69
CA ALA D 129 40.38 11.67 -14.06
C ALA D 129 38.90 11.76 -13.70
N SER D 130 38.60 12.51 -12.64
CA SER D 130 37.23 12.79 -12.23
C SER D 130 36.88 14.21 -12.62
N VAL D 131 35.75 14.37 -13.27
CA VAL D 131 35.21 15.68 -13.61
C VAL D 131 34.04 15.96 -12.68
N VAL D 132 34.13 17.04 -11.90
CA VAL D 132 33.18 17.32 -10.83
C VAL D 132 32.36 18.56 -11.19
N CYS D 133 31.07 18.49 -10.90
CA CYS D 133 30.11 19.56 -11.18
C CYS D 133 29.25 19.75 -9.93
N PHE D 134 29.21 21.00 -9.43
CA PHE D 134 28.40 21.34 -8.26
C PHE D 134 27.19 22.13 -8.72
N LEU D 135 26.00 21.76 -8.20
CA LEU D 135 24.74 22.45 -8.43
C LEU D 135 24.19 22.77 -7.04
N ASN D 136 24.44 24.01 -6.57
CA ASN D 136 24.26 24.33 -5.16
C ASN D 136 23.10 25.27 -4.92
N ASN D 137 22.42 25.08 -3.80
CA ASN D 137 21.43 26.02 -3.25
C ASN D 137 20.35 26.37 -4.27
N PHE D 138 19.64 25.33 -4.70
CA PHE D 138 18.50 25.48 -5.60
C PHE D 138 17.24 25.01 -4.90
N TYR D 139 16.10 25.39 -5.47
CA TYR D 139 14.79 24.92 -4.98
C TYR D 139 13.76 25.11 -6.08
N PRO D 140 12.89 24.13 -6.33
CA PRO D 140 12.70 22.85 -5.62
C PRO D 140 13.73 21.78 -5.96
N LYS D 141 13.57 20.59 -5.36
CA LYS D 141 14.59 19.56 -5.47
C LYS D 141 14.72 19.03 -6.88
N ASP D 142 13.62 18.91 -7.60
CA ASP D 142 13.65 18.38 -8.96
C ASP D 142 14.68 19.13 -9.80
N ILE D 143 15.60 18.38 -10.40
CA ILE D 143 16.69 18.95 -11.19
C ILE D 143 17.31 17.85 -12.03
N ASN D 144 17.86 18.23 -13.18
CA ASN D 144 18.46 17.28 -14.10
C ASN D 144 19.86 17.74 -14.48
N VAL D 145 20.81 16.82 -14.43
CA VAL D 145 22.19 17.10 -14.81
C VAL D 145 22.51 16.26 -16.05
N LYS D 146 23.07 16.92 -17.07
CA LYS D 146 23.46 16.28 -18.31
C LYS D 146 24.94 16.59 -18.60
N TRP D 147 25.73 15.55 -18.82
CA TRP D 147 27.14 15.70 -19.15
C TRP D 147 27.32 15.61 -20.66
N LYS D 148 28.23 16.42 -21.19
CA LYS D 148 28.54 16.42 -22.61
C LYS D 148 30.06 16.36 -22.80
N ILE D 149 30.52 15.41 -23.62
CA ILE D 149 31.92 15.30 -24.01
C ILE D 149 32.01 15.65 -25.50
N ASP D 150 32.63 16.77 -25.80
CA ASP D 150 32.79 17.26 -27.17
C ASP D 150 31.46 17.46 -27.87
N GLY D 151 30.38 17.61 -27.11
CA GLY D 151 29.07 17.85 -27.64
C GLY D 151 28.11 16.69 -27.51
N SER D 152 28.62 15.48 -27.30
CA SER D 152 27.80 14.28 -27.20
C SER D 152 27.49 13.95 -25.74
N GLU D 153 26.26 13.57 -25.48
CA GLU D 153 25.85 13.29 -24.11
C GLU D 153 26.48 11.97 -23.66
N ARG D 154 27.00 11.98 -22.42
CA ARG D 154 27.63 10.82 -21.81
C ARG D 154 26.87 10.45 -20.54
N GLN D 155 26.60 9.17 -20.35
CA GLN D 155 25.91 8.65 -19.18
C GLN D 155 26.77 7.76 -18.28
N ASN D 156 27.59 6.91 -18.87
CA ASN D 156 28.35 5.96 -18.07
C ASN D 156 29.35 6.66 -17.17
N GLY D 157 29.49 6.14 -15.95
CA GLY D 157 30.47 6.70 -15.04
C GLY D 157 30.03 7.97 -14.32
N VAL D 158 28.73 8.23 -14.24
CA VAL D 158 28.19 9.42 -13.60
C VAL D 158 27.53 8.97 -12.30
N LEU D 159 28.08 9.40 -11.18
CA LEU D 159 27.50 9.15 -9.87
C LEU D 159 27.01 10.48 -9.31
N ASN D 160 25.77 10.50 -8.82
CA ASN D 160 25.13 11.70 -8.30
C ASN D 160 24.89 11.58 -6.80
N SER D 161 24.92 12.71 -6.12
CA SER D 161 24.69 12.76 -4.69
C SER D 161 23.95 14.06 -4.36
N TRP D 162 22.97 13.96 -3.49
CA TRP D 162 22.15 15.08 -3.06
C TRP D 162 22.29 15.28 -1.55
N THR D 163 22.29 16.54 -1.13
CA THR D 163 22.27 16.84 0.29
C THR D 163 20.81 16.86 0.80
N ASP D 164 20.67 16.78 2.12
CA ASP D 164 19.38 17.02 2.75
C ASP D 164 19.05 18.51 2.70
N GLN D 165 17.76 18.82 2.77
CA GLN D 165 17.30 20.20 2.76
C GLN D 165 18.05 21.00 3.80
N ASP D 166 18.70 22.08 3.37
CA ASP D 166 19.48 22.89 4.29
C ASP D 166 18.57 23.47 5.38
N SER D 167 18.92 23.23 6.63
CA SER D 167 18.12 23.71 7.73
C SER D 167 18.05 25.22 7.77
N LYS D 168 19.01 25.92 7.15
CA LYS D 168 19.00 27.38 7.19
C LYS D 168 18.09 27.95 6.09
N ASP D 169 18.48 27.77 4.84
CA ASP D 169 17.75 28.38 3.72
C ASP D 169 16.81 27.41 3.04
N SER D 170 16.71 26.16 3.51
CA SER D 170 15.79 25.17 2.97
C SER D 170 16.03 24.87 1.49
N THR D 171 17.22 25.18 0.99
CA THR D 171 17.58 24.84 -0.38
C THR D 171 18.21 23.45 -0.43
N TYR D 172 18.34 22.92 -1.64
CA TYR D 172 19.00 21.65 -1.89
C TYR D 172 20.26 21.88 -2.74
N SER D 173 21.20 20.96 -2.61
CA SER D 173 22.40 20.96 -3.43
C SER D 173 22.63 19.55 -3.94
N MET D 174 23.47 19.44 -4.98
CA MET D 174 23.76 18.17 -5.61
C MET D 174 25.16 18.21 -6.19
N SER D 175 25.85 17.05 -6.16
CA SER D 175 27.13 16.87 -6.80
C SER D 175 26.98 15.82 -7.87
N SER D 176 27.68 16.01 -8.99
CA SER D 176 27.70 15.06 -10.10
C SER D 176 29.14 14.79 -10.48
N THR D 177 29.52 13.51 -10.56
CA THR D 177 30.90 13.13 -10.78
C THR D 177 30.99 12.17 -11.96
N LEU D 178 31.71 12.57 -12.99
CA LEU D 178 32.00 11.73 -14.14
C LEU D 178 33.42 11.20 -13.99
N THR D 179 33.55 9.90 -13.83
CA THR D 179 34.85 9.27 -13.62
C THR D 179 35.24 8.45 -14.85
N LEU D 180 36.40 8.72 -15.39
CA LEU D 180 36.95 7.96 -16.51
C LEU D 180 38.44 7.78 -16.27
N THR D 181 39.09 7.03 -17.15
CA THR D 181 40.53 6.85 -17.05
C THR D 181 41.25 8.06 -17.63
N LYS D 182 42.51 8.24 -17.21
CA LYS D 182 43.31 9.32 -17.76
C LYS D 182 43.35 9.23 -19.28
N ASP D 183 43.38 8.01 -19.82
CA ASP D 183 43.45 7.84 -21.28
C ASP D 183 42.20 8.39 -21.96
N GLU D 184 41.02 8.01 -21.46
CA GLU D 184 39.79 8.52 -22.03
C GLU D 184 39.72 10.03 -21.94
N TYR D 185 40.08 10.59 -20.79
CA TYR D 185 40.01 12.04 -20.60
C TYR D 185 40.72 12.77 -21.72
N GLU D 186 41.92 12.34 -22.07
CA GLU D 186 42.75 13.06 -23.04
C GLU D 186 42.29 12.83 -24.48
N ARG D 187 41.47 11.82 -24.73
CA ARG D 187 40.95 11.63 -26.08
C ARG D 187 40.06 12.78 -26.52
N HIS D 188 39.59 13.62 -25.59
CA HIS D 188 38.68 14.72 -25.89
C HIS D 188 39.19 15.98 -25.21
N ASN D 189 38.57 17.10 -25.57
CA ASN D 189 38.99 18.41 -25.08
C ASN D 189 37.89 19.16 -24.33
N SER D 190 36.64 19.10 -24.79
CA SER D 190 35.55 19.90 -24.26
C SER D 190 34.70 19.07 -23.34
N TYR D 191 34.52 19.55 -22.11
CA TYR D 191 33.70 18.89 -21.09
C TYR D 191 32.66 19.88 -20.57
N THR D 192 31.40 19.45 -20.54
CA THR D 192 30.29 20.34 -20.25
C THR D 192 29.35 19.68 -19.23
N CYS D 193 28.97 20.43 -18.20
CA CYS D 193 27.94 20.06 -17.25
C CYS D 193 26.73 20.95 -17.49
N GLU D 194 25.55 20.34 -17.66
CA GLU D 194 24.34 21.06 -17.99
C GLU D 194 23.29 20.81 -16.92
N ALA D 195 22.74 21.90 -16.40
CA ALA D 195 21.76 21.84 -15.30
C ALA D 195 20.40 22.32 -15.79
N THR D 196 19.38 21.47 -15.64
CA THR D 196 18.02 21.81 -16.01
C THR D 196 17.19 21.97 -14.75
N HIS D 197 16.44 23.07 -14.64
CA HIS D 197 15.65 23.39 -13.46
C HIS D 197 14.48 24.25 -13.88
N LYS D 198 13.34 24.04 -13.22
CA LYS D 198 12.13 24.78 -13.55
C LYS D 198 12.36 26.28 -13.49
N THR D 199 13.43 26.72 -12.85
CA THR D 199 13.75 28.13 -12.68
C THR D 199 14.32 28.78 -13.93
N SER D 200 14.37 28.04 -15.05
CA SER D 200 14.89 28.60 -16.29
C SER D 200 14.40 27.76 -17.47
N THR D 201 13.89 28.43 -18.50
CA THR D 201 13.46 27.70 -19.70
C THR D 201 14.66 27.09 -20.43
N SER D 202 15.83 27.70 -20.32
CA SER D 202 17.07 27.18 -20.86
C SER D 202 17.99 26.70 -19.73
N PRO D 203 18.75 25.64 -19.97
CA PRO D 203 19.61 25.12 -18.89
C PRO D 203 20.83 26.00 -18.65
N ILE D 204 21.41 25.83 -17.46
CA ILE D 204 22.70 26.44 -17.15
C ILE D 204 23.80 25.50 -17.64
N VAL D 205 24.75 26.04 -18.39
CA VAL D 205 25.82 25.27 -19.02
C VAL D 205 27.16 25.79 -18.51
N LYS D 206 27.96 24.89 -17.97
CA LYS D 206 29.33 25.18 -17.56
C LYS D 206 30.26 24.21 -18.29
N SER D 207 31.39 24.72 -18.78
CA SER D 207 32.29 23.90 -19.56
C SER D 207 33.73 24.32 -19.29
N PHE D 208 34.66 23.47 -19.72
CA PHE D 208 36.07 23.79 -19.73
C PHE D 208 36.73 23.01 -20.85
N ASN D 209 37.90 23.49 -21.28
CA ASN D 209 38.68 22.80 -22.30
C ASN D 209 40.08 22.57 -21.76
N ARG D 210 40.66 21.44 -22.16
CA ARG D 210 42.06 21.18 -21.86
C ARG D 210 42.95 22.16 -22.61
N ASN D 211 43.78 22.90 -21.88
CA ASN D 211 44.68 23.88 -22.48
C ASN D 211 46.12 23.64 -22.03
N GLY E 1 -52.75 -22.10 9.70
CA GLY E 1 -51.52 -22.59 9.01
C GLY E 1 -50.32 -22.73 9.93
N ILE E 2 -49.33 -23.50 9.50
CA ILE E 2 -48.11 -23.66 10.27
C ILE E 2 -47.36 -22.34 10.37
N VAL E 3 -47.46 -21.49 9.35
CA VAL E 3 -46.78 -20.19 9.39
C VAL E 3 -47.21 -19.43 10.63
N GLU E 4 -48.51 -19.23 10.78
CA GLU E 4 -49.02 -18.51 11.94
C GLU E 4 -48.70 -19.24 13.25
N GLN E 5 -48.85 -20.56 13.25
CA GLN E 5 -48.67 -21.30 14.49
C GLN E 5 -47.25 -21.16 15.03
N CYS E 6 -46.26 -21.36 14.16
CA CYS E 6 -44.87 -21.33 14.61
C CYS E 6 -44.34 -19.94 14.92
N CYS E 7 -45.03 -18.88 14.47
CA CYS E 7 -44.65 -17.54 14.88
C CYS E 7 -45.31 -17.14 16.19
N THR E 8 -46.60 -17.44 16.34
CA THR E 8 -47.30 -17.10 17.56
C THR E 8 -46.84 -17.96 18.72
N SER E 9 -46.65 -19.27 18.50
CA SER E 9 -46.24 -20.19 19.54
C SER E 9 -44.98 -20.94 19.08
N ILE E 10 -44.55 -21.89 19.91
CA ILE E 10 -43.32 -22.64 19.71
C ILE E 10 -43.64 -23.97 19.04
N CYS E 11 -43.16 -24.15 17.82
CA CYS E 11 -43.17 -25.46 17.17
C CYS E 11 -41.84 -26.15 17.40
N SER E 12 -41.87 -27.41 17.83
CA SER E 12 -40.66 -28.18 17.95
C SER E 12 -40.22 -28.69 16.58
N LEU E 13 -38.92 -28.89 16.43
CA LEU E 13 -38.43 -29.52 15.20
C LEU E 13 -39.05 -30.89 14.97
N TYR E 14 -39.46 -31.57 16.06
CA TYR E 14 -40.16 -32.85 15.94
C TYR E 14 -41.45 -32.69 15.14
N GLN E 15 -42.24 -31.67 15.48
CA GLN E 15 -43.52 -31.48 14.78
C GLN E 15 -43.32 -31.15 13.31
N LEU E 16 -42.23 -30.46 12.98
CA LEU E 16 -42.01 -30.05 11.60
C LEU E 16 -41.80 -31.23 10.68
N GLU E 17 -41.50 -32.40 11.24
CA GLU E 17 -41.32 -33.58 10.38
C GLU E 17 -42.56 -33.91 9.59
N ASN E 18 -43.73 -33.49 10.06
CA ASN E 18 -44.98 -33.76 9.38
C ASN E 18 -45.19 -32.87 8.18
N TYR E 19 -44.31 -31.92 7.91
CA TYR E 19 -44.36 -31.06 6.75
C TYR E 19 -43.27 -31.38 5.75
N CYS E 20 -42.58 -32.49 5.92
CA CYS E 20 -41.60 -32.92 4.93
C CYS E 20 -42.31 -33.62 3.78
N ASN E 21 -41.71 -33.54 2.59
CA ASN E 21 -42.20 -34.28 1.46
C ASN E 21 -41.50 -35.63 1.43
N PHE F 1 -32.73 -22.85 17.08
CA PHE F 1 -34.13 -23.21 16.61
C PHE F 1 -34.99 -23.78 17.75
N VAL F 2 -34.34 -24.37 18.74
CA VAL F 2 -35.04 -25.06 19.80
C VAL F 2 -35.61 -24.04 20.79
N ASN F 3 -36.91 -24.16 21.08
CA ASN F 3 -37.60 -23.24 21.98
C ASN F 3 -37.57 -21.80 21.45
N GLN F 4 -37.81 -21.65 20.15
CA GLN F 4 -37.81 -20.36 19.50
C GLN F 4 -39.08 -20.20 18.68
N HIS F 5 -39.60 -18.97 18.66
CA HIS F 5 -40.59 -18.60 17.65
C HIS F 5 -39.94 -18.60 16.27
N LEU F 6 -40.66 -19.13 15.30
CA LEU F 6 -40.16 -19.28 13.93
C LEU F 6 -41.03 -18.45 13.02
N CYS F 7 -40.65 -17.19 12.83
CA CYS F 7 -41.40 -16.28 12.02
C CYS F 7 -40.72 -16.06 10.68
N GLY F 8 -41.53 -15.83 9.65
CA GLY F 8 -40.96 -15.64 8.32
C GLY F 8 -39.99 -16.73 7.91
N SER F 9 -38.88 -16.31 7.26
CA SER F 9 -37.94 -17.24 6.69
C SER F 9 -37.29 -18.16 7.75
N HIS F 10 -37.31 -17.78 9.02
CA HIS F 10 -36.83 -18.69 10.07
C HIS F 10 -37.50 -20.06 10.02
N LEU F 11 -38.80 -20.09 9.72
CA LEU F 11 -39.50 -21.37 9.57
C LEU F 11 -38.97 -22.14 8.37
N VAL F 12 -38.64 -21.42 7.30
CA VAL F 12 -38.08 -22.07 6.13
C VAL F 12 -36.73 -22.66 6.45
N GLU F 13 -35.89 -21.94 7.18
CA GLU F 13 -34.63 -22.50 7.67
C GLU F 13 -34.86 -23.79 8.46
N ALA F 14 -35.83 -23.74 9.40
CA ALA F 14 -36.08 -24.91 10.25
C ALA F 14 -36.57 -26.10 9.43
N LEU F 15 -37.48 -25.88 8.51
CA LEU F 15 -38.00 -26.98 7.71
C LEU F 15 -36.91 -27.63 6.86
N TYR F 16 -36.00 -26.82 6.30
CA TYR F 16 -34.89 -27.37 5.55
C TYR F 16 -33.98 -28.19 6.44
N LEU F 17 -33.72 -27.73 7.66
CA LEU F 17 -32.87 -28.47 8.59
C LEU F 17 -33.46 -29.83 8.96
N VAL F 18 -34.80 -29.95 8.89
CA VAL F 18 -35.46 -31.19 9.30
C VAL F 18 -35.70 -32.09 8.11
N CYS F 19 -36.12 -31.53 6.99
CA CYS F 19 -36.51 -32.33 5.84
C CYS F 19 -35.40 -32.53 4.81
N GLY F 20 -34.35 -31.70 4.85
CA GLY F 20 -33.23 -31.86 3.94
C GLY F 20 -33.67 -31.83 2.49
N GLU F 21 -33.15 -32.75 1.71
CA GLU F 21 -33.40 -32.78 0.27
C GLU F 21 -34.68 -33.51 -0.07
N ARG F 22 -35.44 -33.98 0.91
CA ARG F 22 -36.78 -34.47 0.67
C ARG F 22 -37.77 -33.39 0.24
N GLY F 23 -37.42 -32.12 0.43
CA GLY F 23 -38.36 -31.05 0.24
C GLY F 23 -39.30 -30.90 1.42
N PHE F 24 -40.07 -29.83 1.39
CA PHE F 24 -41.04 -29.54 2.44
C PHE F 24 -42.07 -28.59 1.88
N PHE F 25 -43.13 -28.33 2.65
CA PHE F 25 -44.19 -27.40 2.29
C PHE F 25 -44.68 -26.69 3.54
N TYR F 26 -45.15 -25.47 3.35
CA TYR F 26 -45.68 -24.69 4.46
C TYR F 26 -46.80 -23.75 4.04
N THR F 27 -47.16 -23.66 2.77
CA THR F 27 -48.31 -22.90 2.31
C THR F 27 -49.06 -23.75 1.29
N PRO F 28 -50.35 -23.45 1.04
CA PRO F 28 -51.17 -22.44 1.74
C PRO F 28 -51.65 -22.91 3.09
N GLY G 1 -15.67 -7.06 24.27
CA GLY G 1 -15.81 -7.49 25.68
C GLY G 1 -14.49 -7.81 26.35
N ILE G 2 -13.47 -8.11 25.54
CA ILE G 2 -12.15 -8.41 26.10
C ILE G 2 -11.29 -7.15 26.30
N VAL G 3 -11.45 -6.12 25.47
CA VAL G 3 -10.53 -5.01 25.50
C VAL G 3 -10.88 -4.08 26.64
N GLU G 4 -12.19 -3.91 26.89
CA GLU G 4 -12.60 -3.08 28.02
C GLU G 4 -12.32 -3.78 29.34
N GLN G 5 -12.61 -5.08 29.42
CA GLN G 5 -12.39 -5.84 30.65
C GLN G 5 -10.93 -5.76 31.09
N CYS G 6 -10.00 -6.01 30.16
CA CYS G 6 -8.59 -6.03 30.51
C CYS G 6 -8.01 -4.65 30.70
N CYS G 7 -8.65 -3.62 30.18
CA CYS G 7 -8.19 -2.25 30.43
C CYS G 7 -8.70 -1.74 31.77
N THR G 8 -9.96 -2.06 32.09
CA THR G 8 -10.54 -1.62 33.37
C THR G 8 -10.15 -2.53 34.53
N SER G 9 -10.00 -3.83 34.29
CA SER G 9 -9.60 -4.78 35.31
C SER G 9 -8.33 -5.52 34.86
N ILE G 10 -7.86 -6.41 35.71
CA ILE G 10 -6.63 -7.16 35.48
C ILE G 10 -6.99 -8.53 34.91
N CYS G 11 -6.61 -8.76 33.66
CA CYS G 11 -6.65 -10.08 33.07
C CYS G 11 -5.27 -10.74 33.19
N SER G 12 -5.25 -12.02 33.50
CA SER G 12 -4.00 -12.78 33.57
C SER G 12 -3.68 -13.38 32.21
N LEU G 13 -2.38 -13.60 31.99
CA LEU G 13 -1.97 -14.23 30.74
C LEU G 13 -2.54 -15.66 30.61
N TYR G 14 -2.81 -16.31 31.74
CA TYR G 14 -3.58 -17.56 31.71
C TYR G 14 -4.95 -17.39 31.06
N GLN G 15 -5.72 -16.41 31.53
CA GLN G 15 -7.06 -16.22 30.99
C GLN G 15 -7.02 -15.95 29.50
N LEU G 16 -5.95 -15.29 29.01
CA LEU G 16 -5.90 -14.91 27.59
C LEU G 16 -5.71 -16.10 26.68
N GLU G 17 -5.20 -17.23 27.19
CA GLU G 17 -5.09 -18.44 26.38
C GLU G 17 -6.41 -18.77 25.68
N ASN G 18 -7.54 -18.42 26.29
CA ASN G 18 -8.86 -18.71 25.74
C ASN G 18 -9.23 -17.84 24.56
N TYR G 19 -8.31 -17.04 24.01
CA TYR G 19 -8.59 -16.25 22.81
C TYR G 19 -7.66 -16.60 21.66
N CYS G 20 -6.85 -17.62 21.81
CA CYS G 20 -5.94 -18.04 20.76
C CYS G 20 -6.69 -18.76 19.65
N ASN G 21 -6.15 -18.67 18.44
CA ASN G 21 -6.69 -19.39 17.29
C ASN G 21 -6.22 -20.84 17.33
N PHE H 1 3.77 -7.64 32.06
CA PHE H 1 2.36 -7.91 31.76
C PHE H 1 1.60 -8.43 33.00
N VAL H 2 2.32 -9.03 33.95
CA VAL H 2 1.66 -9.63 35.09
C VAL H 2 1.12 -8.55 36.02
N ASN H 3 -0.16 -8.65 36.35
CA ASN H 3 -0.82 -7.70 37.25
C ASN H 3 -0.91 -6.31 36.65
N GLN H 4 -1.04 -6.22 35.33
CA GLN H 4 -1.07 -4.95 34.64
C GLN H 4 -2.39 -4.81 33.90
N HIS H 5 -2.94 -3.58 33.89
CA HIS H 5 -3.99 -3.26 32.94
C HIS H 5 -3.44 -3.32 31.51
N LEU H 6 -4.22 -3.87 30.60
CA LEU H 6 -3.82 -4.09 29.21
C LEU H 6 -4.73 -3.27 28.32
N CYS H 7 -4.34 -2.03 28.05
CA CYS H 7 -5.16 -1.11 27.26
C CYS H 7 -4.57 -0.95 25.87
N GLY H 8 -5.45 -0.81 24.88
CA GLY H 8 -5.02 -0.61 23.51
C GLY H 8 -4.07 -1.71 23.06
N SER H 9 -3.00 -1.28 22.38
CA SER H 9 -2.09 -2.25 21.77
C SER H 9 -1.42 -3.14 22.79
N HIS H 10 -1.36 -2.74 24.06
CA HIS H 10 -0.76 -3.60 25.06
C HIS H 10 -1.48 -4.96 25.09
N LEU H 11 -2.82 -4.94 24.96
CA LEU H 11 -3.56 -6.21 24.90
C LEU H 11 -3.11 -7.02 23.69
N VAL H 12 -2.83 -6.34 22.58
CA VAL H 12 -2.34 -7.04 21.40
C VAL H 12 -0.99 -7.65 21.68
N GLU H 13 -0.12 -6.94 22.42
CA GLU H 13 1.17 -7.49 22.80
C GLU H 13 0.99 -8.77 23.63
N ALA H 14 0.09 -8.71 24.61
CA ALA H 14 -0.10 -9.81 25.52
C ALA H 14 -0.65 -11.01 24.80
N LEU H 15 -1.67 -10.80 23.96
CA LEU H 15 -2.25 -11.92 23.19
C LEU H 15 -1.18 -12.60 22.34
N TYR H 16 -0.33 -11.80 21.69
CA TYR H 16 0.71 -12.37 20.83
C TYR H 16 1.69 -13.18 21.67
N LEU H 17 2.07 -12.67 22.84
CA LEU H 17 3.01 -13.40 23.69
C LEU H 17 2.46 -14.76 24.11
N VAL H 18 1.15 -14.83 24.33
CA VAL H 18 0.52 -16.05 24.80
C VAL H 18 0.12 -16.97 23.67
N CYS H 19 -0.31 -16.42 22.54
CA CYS H 19 -0.84 -17.21 21.44
C CYS H 19 0.18 -17.49 20.35
N GLY H 20 1.20 -16.65 20.21
CA GLY H 20 2.26 -16.96 19.26
C GLY H 20 1.75 -16.93 17.85
N GLU H 21 2.34 -17.79 17.01
CA GLU H 21 1.96 -17.88 15.60
C GLU H 21 0.60 -18.55 15.39
N ARG H 22 0.02 -19.17 16.43
CA ARG H 22 -1.33 -19.71 16.28
C ARG H 22 -2.33 -18.63 15.91
N GLY H 23 -2.09 -17.39 16.33
CA GLY H 23 -3.02 -16.31 16.11
C GLY H 23 -4.01 -16.13 17.25
N PHE H 24 -4.68 -14.99 17.23
CA PHE H 24 -5.64 -14.66 18.27
C PHE H 24 -6.76 -13.85 17.64
N PHE H 25 -7.79 -13.57 18.45
CA PHE H 25 -8.94 -12.78 18.03
C PHE H 25 -9.41 -11.93 19.20
N TYR H 26 -9.69 -10.67 18.94
CA TYR H 26 -10.28 -9.79 19.93
C TYR H 26 -11.26 -8.86 19.22
N THR H 27 -12.46 -8.75 19.77
CA THR H 27 -13.45 -7.83 19.20
C THR H 27 -13.04 -6.40 19.51
N PRO H 28 -12.95 -5.53 18.49
CA PRO H 28 -12.58 -4.12 18.73
C PRO H 28 -13.39 -3.47 19.85
C1 NAG I . -21.68 -26.18 23.60
C2 NAG I . -22.44 -27.20 24.41
C3 NAG I . -22.86 -26.59 25.76
C4 NAG I . -21.65 -26.05 26.49
C5 NAG I . -20.87 -25.09 25.59
C6 NAG I . -19.56 -24.64 26.20
C7 NAG I . -23.53 -28.57 22.70
C8 NAG I . -24.83 -28.96 22.05
N2 NAG I . -23.60 -27.66 23.67
O3 NAG I . -23.50 -27.59 26.56
O4 NAG I . -22.05 -25.36 27.68
O5 NAG I . -20.54 -25.73 24.33
O6 NAG I . -18.66 -24.17 25.20
O7 NAG I . -22.47 -29.07 22.37
H2 NAG I . -21.86 -27.95 24.59
H3 NAG I . -23.49 -25.88 25.60
H4 NAG I . -21.06 -26.79 26.74
H5 NAG I . -21.43 -24.32 25.40
H61 NAG I . -19.15 -25.40 26.66
H62 NAG I . -19.73 -23.93 26.84
H81 NAG I . -25.27 -28.16 21.70
H82 NAG I . -25.41 -29.39 22.71
H83 NAG I . -24.65 -29.58 21.32
HN2 NAG I . -24.42 -27.32 23.89
HO3 NAG I . -23.95 -27.21 27.22
HO4 NAG I . -21.35 -24.99 28.06
HO6 NAG I . -18.79 -24.63 24.46
C1 NAG J . -37.15 -8.92 22.38
C2 NAG J . -37.81 -7.67 22.95
C3 NAG J . -37.12 -7.22 24.22
C4 NAG J . -37.09 -8.37 25.23
C5 NAG J . -36.48 -9.61 24.59
C6 NAG J . -36.54 -10.82 25.49
C7 NAG J . -36.72 -6.10 21.39
C8 NAG J . -36.93 -4.99 20.41
N2 NAG J . -37.83 -6.59 21.96
O3 NAG J . -37.83 -6.11 24.78
O4 NAG J . -36.33 -7.99 26.37
O5 NAG J . -37.18 -9.95 23.38
O6 NAG J . -35.47 -10.83 26.44
O7 NAG J . -35.61 -6.55 21.65
H2 NAG J . -38.74 -7.90 23.16
H3 NAG J . -36.21 -6.94 24.01
H4 NAG J . -38.00 -8.57 25.50
H5 NAG J . -35.55 -9.42 24.36
H61 NAG J . -36.48 -11.63 24.94
H62 NAG J . -37.39 -10.82 25.97
H81 NAG J . -37.43 -5.33 19.65
H82 NAG J . -36.06 -4.66 20.11
H83 NAG J . -37.42 -4.27 20.84
HN2 NAG J . -38.63 -6.22 21.72
HO3 NAG J . -37.41 -5.84 25.52
HO4 NAG J . -36.69 -8.33 27.10
HO6 NAG J . -35.18 -10.00 26.56
C1 NAG K . 15.95 -10.37 37.40
C2 NAG K . 15.00 -11.20 38.24
C3 NAG K . 14.48 -10.44 39.44
C4 NAG K . 15.64 -9.83 40.22
C5 NAG K . 16.43 -8.93 39.29
C6 NAG K . 17.68 -8.35 39.95
C7 NAG K . 13.62 -12.99 37.25
C8 NAG K . 12.42 -13.33 36.42
N2 NAG K . 13.87 -11.69 37.44
O3 NAG K . 13.77 -11.34 40.27
O4 NAG K . 15.13 -9.09 41.33
O5 NAG K . 16.90 -9.72 38.21
O6 NAG K . 18.84 -9.10 39.63
O7 NAG K . 14.35 -13.86 37.69
H1 NAG K . 15.42 -9.70 36.93
H2 NAG K . 15.52 -11.97 38.58
H3 NAG K . 13.90 -9.71 39.15
H4 NAG K . 16.23 -10.52 40.57
H5 NAG K . 15.88 -8.20 38.98
H61 NAG K . 17.56 -8.35 40.91
H62 NAG K . 17.80 -7.44 39.64
H81 NAG K . 11.63 -12.87 36.79
H82 NAG K . 12.27 -14.29 36.43
H83 NAG K . 12.56 -13.03 35.50
HN2 NAG K . 13.31 -11.09 37.05
HO3 NAG K . 13.15 -11.78 39.78
HO4 NAG K . 15.68 -9.20 42.01
HO6 NAG K . 18.66 -9.70 39.00
C1 NAG L . -0.26 6.75 36.09
C2 NAG L . -0.22 8.13 36.75
C3 NAG L . 0.63 8.08 38.03
C4 NAG L . 0.12 7.00 38.97
C5 NAG L . 0.08 5.66 38.25
C6 NAG L . -0.51 4.54 39.10
C7 NAG L . -0.49 9.99 35.15
C8 NAG L . -1.96 9.86 35.36
N2 NAG L . 0.29 9.13 35.84
O3 NAG L . 0.60 9.35 38.67
O4 NAG L . 0.97 6.91 40.11
O5 NAG L . -0.74 5.76 37.07
O6 NAG L . -1.89 4.37 38.83
O7 NAG L . -0.01 10.81 34.39
H2 NAG L . -1.13 8.38 37.00
H3 NAG L . 1.55 7.88 37.78
H4 NAG L . -0.78 7.23 39.27
H5 NAG L . 0.98 5.41 37.98
H61 NAG L . -0.38 4.77 40.03
H62 NAG L . -0.04 3.71 38.89
H81 NAG L . -2.43 10.45 34.74
H82 NAG L . -2.19 10.11 36.27
H83 NAG L . -2.23 8.94 35.20
HN2 NAG L . 1.20 9.18 35.71
HO3 NAG L . 0.87 9.25 39.52
HO4 NAG L . 0.49 7.02 40.84
HO6 NAG L . -2.10 4.75 38.06
#